data_4KRP
#
_entry.id   4KRP
#
_cell.length_a   66.372
_cell.length_b   95.841
_cell.length_c   129.481
_cell.angle_alpha   90.00
_cell.angle_beta   99.95
_cell.angle_gamma   90.00
#
_symmetry.space_group_name_H-M   'P 1 21 1'
#
loop_
_entity.id
_entity.type
_entity.pdbx_description
1 polymer 'Epidermal growth factor receptor'
2 polymer 'Nanobody/VHH domain 9G8'
3 polymer 'Cetuximab light chain'
4 polymer 'Cetuximab heavy chain'
5 branched 2-acetamido-2-deoxy-beta-D-glucopyranose-(1-4)-2-acetamido-2-deoxy-beta-D-glucopyranose
6 non-polymer 2-acetamido-2-deoxy-beta-D-glucopyranose
7 water water
#
loop_
_entity_poly.entity_id
_entity_poly.type
_entity_poly.pdbx_seq_one_letter_code
_entity_poly.pdbx_strand_id
1 'polypeptide(L)'
;LEEKKVCQGTSNKLTQLGTFEDHFLSLQRMFNNCEVVLGNLEITYVQRNYDLSFLKTIQEVAGYVLIALNTVERIPLENL
QIIRGNMYYENSYALAVLSNYDANKTGLKELPMRNLQEILHGAVRFSNNPALCNVESIQWRDIVSSDFLSNMSMDFQNHL
GSCQKCDPSCPNGSCWGAGEENCQKLTKIICAQQCSGRCRGKSPSDCCHNQCAAGCTGPRESDCLVCRKFRDEATCKDTC
PPLMLYNPTTYQMDVNPEGKYSFGATCVKKCPRNYVVTDHGSCVRACGADSYEMEEDGVRKCKKCEGPCRKVCNGIGIGE
FKDSLSINATNIKHFKNCTSISGDLHILPVAFRGDSFTHTPPLDPQELDILKTVKEITGFLLIQAWPENRTDLHAFENLE
IIRGRTKQHGQFSLAVVSLNITSLGLRSLKEISDGDVIISGNKNLCYANTINWKKLFGTSGQKTKIISNRGENSCKATGQ
VCHALCSPEGCWGPEPRDCVSCRNVSRGRECVDKCNLLEGEPREFVENSECIQCHPECLPQAMNITCTGRGPDNCIQCAH
YIDGPHCVKTCPAGVMGENNTLVWKYADAGHVCHLCHPNCTYGCTGPGLEGCPTTNGPKHHHHHH
;
A
2 'polypeptide(L)'
;EVQLVESGGGLVQAGGSLRLSCAASGRTFSSYAMGWFRQAPGKEREFVVAINWSSGSTYYADSVKGRFTISRDNAKNTMY
LQMNSLKPEDTAVYYCAAGYQINSGNYNFKDYEYDYWGQGTQVTVSSALEHHHHHH
;
B
3 'polypeptide(L)'
;DILLTQSPVILSVSPGERVSFSCRASQSIGTNIHWYQQRTNGSPRLLIKYASESISGIPSRFSGSGSGTDFTLSINSVES
EDIADYYCQQNNNWPTTFGAGTKLELKRTVAAPSVFIFPPSDEQLKSGTASVVCLLNNFYPREAKVQWKVDNALQSGNSQ
ESVTEQDSKDSTYSLSSTLTLSKADYEKHKVYACEVTHQGLSSPVTKSFNR
;
C
4 'polypeptide(L)'
;QVQLKQSGPGLVQPSQSLSITCTVSGFSLTNYGVHWVRQSPGKGLEWLGVIWSGGNTDYNTPFTSRLSINKDNSKSQVFF
KMNSLQSNDTAIYYCARALTYYDYEFAYWGQGTLVTVSAASTKGPSVFPLAPSSKSTSGGTAALGCLVKDYFPEPVTVSW
NSGALTSGVHTFPAVLQSSGLYSLSSVVTVPSSSLGTQTYICNVNHKPSNTKVDKRVEPK
;
D
#
loop_
_chem_comp.id
_chem_comp.type
_chem_comp.name
_chem_comp.formula
NAG D-saccharide, beta linking 2-acetamido-2-deoxy-beta-D-glucopyranose 'C8 H15 N O6'
#
# COMPACT_ATOMS: atom_id res chain seq x y z
N LYS A 4 -21.42 -31.27 -44.44
CA LYS A 4 -20.55 -32.24 -43.78
C LYS A 4 -20.54 -32.01 -42.26
N LYS A 5 -20.64 -33.11 -41.51
CA LYS A 5 -20.60 -33.04 -40.05
C LYS A 5 -19.16 -32.86 -39.56
N VAL A 6 -19.01 -32.15 -38.45
CA VAL A 6 -17.68 -31.80 -37.94
C VAL A 6 -17.60 -31.98 -36.42
N CYS A 7 -16.54 -32.66 -35.99
CA CYS A 7 -16.26 -32.84 -34.56
C CYS A 7 -14.94 -32.16 -34.22
N GLN A 8 -14.76 -31.83 -32.94
CA GLN A 8 -13.56 -31.12 -32.52
C GLN A 8 -12.32 -32.00 -32.68
N GLY A 9 -12.42 -33.24 -32.24
CA GLY A 9 -11.30 -34.16 -32.24
C GLY A 9 -10.84 -34.39 -30.81
N THR A 10 -9.59 -34.81 -30.65
CA THR A 10 -9.03 -35.05 -29.33
C THR A 10 -7.51 -34.99 -29.41
N SER A 11 -6.88 -34.68 -28.29
CA SER A 11 -5.42 -34.67 -28.18
C SER A 11 -5.00 -35.22 -26.81
N ASN A 12 -5.54 -36.39 -26.48
CA ASN A 12 -5.26 -37.04 -25.20
C ASN A 12 -4.02 -37.93 -25.26
N LYS A 13 -3.58 -38.24 -26.48
CA LYS A 13 -2.41 -39.10 -26.68
C LYS A 13 -2.71 -40.53 -26.20
N LEU A 14 -1.73 -41.18 -25.58
CA LEU A 14 -1.91 -42.54 -25.10
C LEU A 14 -2.68 -42.57 -23.78
N THR A 15 -3.25 -41.44 -23.40
CA THR A 15 -3.99 -41.36 -22.15
C THR A 15 -5.27 -42.18 -22.25
N GLN A 16 -5.68 -42.77 -21.14
CA GLN A 16 -6.90 -43.57 -21.07
C GLN A 16 -7.94 -42.84 -20.21
N LEU A 17 -9.12 -42.62 -20.78
CA LEU A 17 -10.19 -41.90 -20.10
C LEU A 17 -11.14 -42.84 -19.35
N GLY A 18 -10.78 -43.16 -18.11
CA GLY A 18 -11.61 -44.02 -17.27
C GLY A 18 -11.47 -45.49 -17.62
N THR A 19 -12.46 -46.29 -17.24
CA THR A 19 -12.49 -47.71 -17.58
C THR A 19 -12.49 -47.89 -19.09
N PHE A 20 -12.13 -49.08 -19.55
CA PHE A 20 -12.15 -49.38 -20.98
C PHE A 20 -13.53 -49.09 -21.57
N GLU A 21 -14.55 -49.21 -20.73
CA GLU A 21 -15.93 -48.89 -21.12
C GLU A 21 -16.14 -47.37 -21.11
N ASP A 22 -15.60 -46.69 -20.10
CA ASP A 22 -15.70 -45.24 -20.02
C ASP A 22 -14.94 -44.58 -21.16
N HIS A 23 -13.84 -45.20 -21.58
CA HIS A 23 -13.01 -44.66 -22.66
C HIS A 23 -13.74 -44.74 -23.99
N PHE A 24 -14.41 -45.86 -24.24
CA PHE A 24 -15.16 -46.04 -25.48
C PHE A 24 -16.42 -45.17 -25.47
N LEU A 25 -17.06 -45.10 -24.31
CA LEU A 25 -18.30 -44.33 -24.16
C LEU A 25 -18.08 -42.83 -24.43
N SER A 26 -16.84 -42.38 -24.25
CA SER A 26 -16.48 -40.98 -24.48
C SER A 26 -15.89 -40.79 -25.89
N LEU A 27 -15.47 -41.89 -26.51
CA LEU A 27 -14.94 -41.86 -27.88
C LEU A 27 -16.08 -41.80 -28.87
N GLN A 28 -17.19 -42.44 -28.53
CA GLN A 28 -18.36 -42.45 -29.40
C GLN A 28 -19.03 -41.08 -29.42
N ARG A 29 -19.22 -40.49 -28.24
CA ARG A 29 -19.95 -39.23 -28.12
C ARG A 29 -19.28 -38.11 -28.91
N MET A 30 -17.95 -38.15 -28.99
CA MET A 30 -17.20 -37.15 -29.74
C MET A 30 -17.28 -37.44 -31.23
N PHE A 31 -16.93 -38.67 -31.61
CA PHE A 31 -16.81 -39.04 -33.02
C PHE A 31 -18.07 -39.68 -33.61
N ASN A 32 -19.20 -39.56 -32.90
CA ASN A 32 -20.47 -40.06 -33.42
C ASN A 32 -20.94 -39.24 -34.62
N ASN A 33 -21.14 -39.91 -35.76
CA ASN A 33 -21.68 -39.26 -36.96
C ASN A 33 -20.78 -38.17 -37.54
N CYS A 34 -19.56 -38.07 -37.01
CA CYS A 34 -18.60 -37.08 -37.51
C CYS A 34 -18.10 -37.50 -38.89
N GLU A 35 -17.89 -36.52 -39.76
CA GLU A 35 -17.40 -36.77 -41.11
C GLU A 35 -16.01 -36.16 -41.31
N VAL A 36 -15.75 -35.05 -40.61
CA VAL A 36 -14.47 -34.36 -40.68
C VAL A 36 -13.92 -34.08 -39.29
N VAL A 37 -12.65 -34.42 -39.07
CA VAL A 37 -12.00 -34.23 -37.78
C VAL A 37 -11.04 -33.04 -37.81
N LEU A 38 -11.41 -31.97 -37.12
CA LEU A 38 -10.61 -30.75 -37.08
C LEU A 38 -9.29 -31.00 -36.36
N GLY A 39 -9.33 -31.84 -35.33
CA GLY A 39 -8.15 -32.15 -34.55
C GLY A 39 -7.55 -33.48 -34.97
N ASN A 40 -7.19 -34.29 -33.97
CA ASN A 40 -6.64 -35.61 -34.20
C ASN A 40 -7.66 -36.70 -33.94
N LEU A 41 -7.57 -37.78 -34.73
CA LEU A 41 -8.38 -38.97 -34.49
C LEU A 41 -7.61 -39.93 -33.60
N GLU A 42 -8.03 -40.02 -32.34
CA GLU A 42 -7.34 -40.86 -31.37
C GLU A 42 -8.20 -42.03 -30.90
N ILE A 43 -7.85 -43.22 -31.36
CA ILE A 43 -8.51 -44.46 -30.96
C ILE A 43 -7.57 -45.26 -30.05
N THR A 44 -7.96 -45.41 -28.79
CA THR A 44 -7.10 -46.06 -27.81
C THR A 44 -7.88 -46.91 -26.80
N TYR A 45 -7.22 -47.95 -26.30
CA TYR A 45 -7.75 -48.79 -25.22
C TYR A 45 -9.15 -49.33 -25.51
N VAL A 46 -9.41 -49.63 -26.78
CA VAL A 46 -10.69 -50.19 -27.17
C VAL A 46 -10.66 -51.70 -26.95
N GLN A 47 -11.64 -52.21 -26.21
CA GLN A 47 -11.68 -53.62 -25.84
C GLN A 47 -12.28 -54.47 -26.96
N ARG A 48 -12.25 -55.78 -26.75
CA ARG A 48 -12.77 -56.73 -27.74
C ARG A 48 -14.30 -56.76 -27.76
N ASN A 49 -14.87 -56.95 -28.94
CA ASN A 49 -16.32 -57.00 -29.12
C ASN A 49 -16.98 -55.64 -28.91
N TYR A 50 -16.21 -54.57 -29.12
CA TYR A 50 -16.73 -53.21 -29.04
C TYR A 50 -16.98 -52.67 -30.45
N ASP A 51 -18.23 -52.36 -30.76
CA ASP A 51 -18.61 -51.92 -32.10
C ASP A 51 -18.08 -50.52 -32.40
N LEU A 52 -17.07 -50.45 -33.25
CA LEU A 52 -16.52 -49.18 -33.73
C LEU A 52 -17.08 -48.84 -35.09
N SER A 53 -18.30 -49.30 -35.36
CA SER A 53 -18.90 -49.19 -36.68
C SER A 53 -19.30 -47.76 -37.06
N PHE A 54 -19.37 -46.87 -36.06
CA PHE A 54 -19.72 -45.48 -36.30
C PHE A 54 -18.59 -44.72 -37.00
N LEU A 55 -17.42 -45.35 -37.08
CA LEU A 55 -16.25 -44.74 -37.72
C LEU A 55 -16.31 -44.82 -39.25
N LYS A 56 -17.44 -45.28 -39.77
CA LYS A 56 -17.61 -45.39 -41.21
C LYS A 56 -17.91 -44.03 -41.83
N THR A 57 -18.40 -43.10 -41.01
CA THR A 57 -18.82 -41.78 -41.49
C THR A 57 -17.64 -40.84 -41.75
N ILE A 58 -16.51 -41.13 -41.10
CA ILE A 58 -15.32 -40.28 -41.21
C ILE A 58 -14.80 -40.23 -42.64
N GLN A 59 -14.74 -39.02 -43.20
CA GLN A 59 -14.31 -38.80 -44.56
C GLN A 59 -12.95 -38.11 -44.61
N GLU A 60 -12.60 -37.39 -43.55
CA GLU A 60 -11.33 -36.66 -43.50
C GLU A 60 -10.84 -36.38 -42.08
N VAL A 61 -9.53 -36.28 -41.94
CA VAL A 61 -8.88 -35.93 -40.68
C VAL A 61 -7.78 -34.89 -40.91
N ALA A 62 -7.85 -33.79 -40.17
CA ALA A 62 -6.93 -32.68 -40.37
C ALA A 62 -5.62 -32.90 -39.62
N GLY A 63 -5.73 -33.26 -38.33
CA GLY A 63 -4.57 -33.51 -37.51
C GLY A 63 -3.93 -34.85 -37.83
N TYR A 64 -3.56 -35.60 -36.79
CA TYR A 64 -2.99 -36.93 -36.98
C TYR A 64 -4.00 -37.98 -36.56
N VAL A 65 -3.71 -39.23 -36.91
CA VAL A 65 -4.54 -40.36 -36.49
C VAL A 65 -3.72 -41.32 -35.64
N LEU A 66 -4.29 -41.70 -34.50
CA LEU A 66 -3.63 -42.61 -33.57
C LEU A 66 -4.50 -43.84 -33.30
N ILE A 67 -3.91 -45.01 -33.46
CA ILE A 67 -4.57 -46.27 -33.15
C ILE A 67 -3.59 -47.13 -32.34
N ALA A 68 -3.82 -47.20 -31.03
CA ALA A 68 -2.86 -47.86 -30.14
C ALA A 68 -3.53 -48.57 -28.96
N LEU A 69 -2.91 -49.67 -28.53
CA LEU A 69 -3.37 -50.43 -27.38
C LEU A 69 -4.83 -50.88 -27.56
N ASN A 70 -5.17 -51.24 -28.79
CA ASN A 70 -6.51 -51.74 -29.11
C ASN A 70 -6.51 -53.26 -29.23
N THR A 71 -7.50 -53.89 -28.60
CA THR A 71 -7.68 -55.33 -28.68
C THR A 71 -8.93 -55.68 -29.49
N VAL A 72 -9.64 -54.66 -29.95
CA VAL A 72 -10.80 -54.87 -30.82
C VAL A 72 -10.32 -55.51 -32.12
N GLU A 73 -11.18 -56.32 -32.73
CA GLU A 73 -10.82 -57.04 -33.95
C GLU A 73 -10.82 -56.12 -35.17
N ARG A 74 -11.84 -55.27 -35.27
CA ARG A 74 -12.05 -54.44 -36.46
C ARG A 74 -12.21 -52.96 -36.12
N ILE A 75 -11.54 -52.12 -36.92
CA ILE A 75 -11.70 -50.66 -36.84
C ILE A 75 -12.11 -50.15 -38.22
N PRO A 76 -13.43 -50.03 -38.46
CA PRO A 76 -13.90 -49.71 -39.81
C PRO A 76 -13.69 -48.25 -40.23
N LEU A 77 -12.50 -47.96 -40.76
CA LEU A 77 -12.21 -46.68 -41.41
C LEU A 77 -12.33 -46.84 -42.93
N GLU A 78 -13.48 -47.29 -43.38
CA GLU A 78 -13.68 -47.66 -44.78
C GLU A 78 -13.91 -46.45 -45.68
N ASN A 79 -14.14 -45.29 -45.07
CA ASN A 79 -14.43 -44.07 -45.83
C ASN A 79 -13.35 -43.01 -45.65
N LEU A 80 -12.38 -43.28 -44.78
CA LEU A 80 -11.27 -42.34 -44.57
C LEU A 80 -10.55 -42.06 -45.88
N GLN A 81 -10.71 -40.84 -46.38
CA GLN A 81 -10.17 -40.47 -47.69
C GLN A 81 -8.86 -39.68 -47.59
N ILE A 82 -8.63 -39.01 -46.46
CA ILE A 82 -7.50 -38.07 -46.35
C ILE A 82 -6.99 -37.85 -44.93
N ILE A 83 -5.69 -37.63 -44.81
CA ILE A 83 -5.06 -37.22 -43.56
C ILE A 83 -4.16 -36.01 -43.84
N ARG A 84 -4.58 -34.84 -43.36
CA ARG A 84 -3.89 -33.58 -43.64
C ARG A 84 -2.57 -33.50 -42.89
N GLY A 85 -2.53 -34.02 -41.67
CA GLY A 85 -1.33 -33.99 -40.86
C GLY A 85 -1.01 -32.60 -40.34
N ASN A 86 -2.05 -31.91 -39.87
CA ASN A 86 -1.89 -30.59 -39.27
C ASN A 86 -0.97 -30.67 -38.07
N MET A 87 -1.00 -31.80 -37.38
CA MET A 87 -0.13 -32.08 -36.25
C MET A 87 0.61 -33.39 -36.47
N TYR A 88 1.59 -33.65 -35.61
CA TYR A 88 2.30 -34.93 -35.58
C TYR A 88 2.14 -35.54 -34.20
N TYR A 89 2.09 -36.88 -34.16
CA TYR A 89 1.92 -37.60 -32.91
C TYR A 89 3.22 -37.62 -32.10
N GLU A 90 4.26 -38.17 -32.72
CA GLU A 90 5.58 -38.20 -32.12
C GLU A 90 6.63 -38.07 -33.23
N ASN A 91 7.66 -37.27 -32.95
CA ASN A 91 8.69 -36.98 -33.95
C ASN A 91 8.08 -36.41 -35.23
N SER A 92 7.94 -37.23 -36.26
CA SER A 92 7.36 -36.81 -37.53
C SER A 92 6.51 -37.92 -38.13
N TYR A 93 5.61 -38.48 -37.32
CA TYR A 93 4.68 -39.52 -37.76
C TYR A 93 3.26 -38.98 -37.74
N ALA A 94 2.72 -38.71 -38.94
CA ALA A 94 1.36 -38.20 -39.07
C ALA A 94 0.33 -39.31 -38.87
N LEU A 95 0.75 -40.54 -39.12
CA LEU A 95 -0.07 -41.72 -38.90
C LEU A 95 0.73 -42.74 -38.11
N ALA A 96 0.29 -43.02 -36.88
CA ALA A 96 1.00 -43.93 -35.98
C ALA A 96 0.06 -44.99 -35.42
N VAL A 97 0.34 -46.23 -35.79
CA VAL A 97 -0.43 -47.38 -35.32
C VAL A 97 0.52 -48.30 -34.54
N LEU A 98 0.42 -48.27 -33.21
CA LEU A 98 1.42 -48.90 -32.35
C LEU A 98 0.83 -49.89 -31.34
N SER A 99 1.52 -51.02 -31.18
CA SER A 99 1.23 -52.00 -30.13
C SER A 99 -0.26 -52.28 -29.93
N ASN A 100 -0.93 -52.70 -30.99
CA ASN A 100 -2.36 -53.02 -30.93
C ASN A 100 -2.57 -54.48 -30.56
N TYR A 101 -2.30 -54.81 -29.30
CA TYR A 101 -2.47 -56.17 -28.80
C TYR A 101 -2.53 -56.19 -27.28
N ASP A 102 -2.61 -57.39 -26.71
CA ASP A 102 -2.67 -57.54 -25.26
C ASP A 102 -2.09 -58.89 -24.84
N ALA A 103 -1.92 -59.08 -23.54
CA ALA A 103 -1.40 -60.34 -23.00
C ALA A 103 -2.51 -61.37 -22.89
N ASN A 104 -3.57 -61.18 -23.67
CA ASN A 104 -4.72 -62.08 -23.67
C ASN A 104 -4.87 -62.80 -25.02
N LYS A 105 -3.93 -62.57 -25.92
CA LYS A 105 -3.95 -63.18 -27.25
C LYS A 105 -5.15 -62.72 -28.07
N THR A 106 -5.22 -61.41 -28.31
CA THR A 106 -6.29 -60.81 -29.07
C THR A 106 -5.94 -59.38 -29.46
N GLY A 107 -5.48 -59.19 -30.69
CA GLY A 107 -5.07 -57.89 -31.20
C GLY A 107 -5.95 -57.41 -32.34
N LEU A 108 -5.50 -56.36 -33.03
CA LEU A 108 -6.25 -55.80 -34.15
C LEU A 108 -6.01 -56.62 -35.42
N LYS A 109 -7.09 -57.14 -35.99
CA LYS A 109 -7.01 -57.98 -37.17
C LYS A 109 -7.26 -57.18 -38.46
N GLU A 110 -8.39 -56.47 -38.49
CA GLU A 110 -8.84 -55.77 -39.69
C GLU A 110 -8.80 -54.24 -39.52
N LEU A 111 -7.90 -53.60 -40.26
CA LEU A 111 -7.88 -52.14 -40.39
C LEU A 111 -8.06 -51.77 -41.86
N PRO A 112 -9.31 -51.84 -42.35
CA PRO A 112 -9.61 -51.62 -43.77
C PRO A 112 -9.67 -50.14 -44.17
N MET A 113 -8.51 -49.52 -44.34
CA MET A 113 -8.43 -48.16 -44.85
C MET A 113 -8.35 -48.20 -46.37
N ARG A 114 -9.46 -48.55 -47.00
CA ARG A 114 -9.50 -48.77 -48.45
C ARG A 114 -9.49 -47.46 -49.24
N ASN A 115 -9.99 -46.39 -48.64
CA ASN A 115 -10.14 -45.12 -49.34
C ASN A 115 -9.02 -44.12 -49.03
N LEU A 116 -8.13 -44.47 -48.11
CA LEU A 116 -7.05 -43.58 -47.70
C LEU A 116 -5.97 -43.46 -48.78
N GLN A 117 -6.14 -42.52 -49.70
CA GLN A 117 -5.27 -42.40 -50.86
C GLN A 117 -4.01 -41.60 -50.59
N GLU A 118 -4.16 -40.45 -49.94
CA GLU A 118 -3.05 -39.53 -49.70
C GLU A 118 -2.89 -39.14 -48.24
N ILE A 119 -1.64 -38.96 -47.84
CA ILE A 119 -1.30 -38.29 -46.58
C ILE A 119 -0.62 -36.99 -46.98
N LEU A 120 -1.23 -35.88 -46.59
CA LEU A 120 -0.83 -34.56 -47.09
C LEU A 120 0.52 -34.12 -46.52
N HIS A 121 0.76 -34.45 -45.25
CA HIS A 121 2.01 -34.12 -44.59
C HIS A 121 2.42 -35.17 -43.57
N GLY A 122 3.71 -35.44 -43.47
CA GLY A 122 4.24 -36.34 -42.46
C GLY A 122 4.39 -37.77 -42.92
N ALA A 123 5.28 -38.50 -42.26
CA ALA A 123 5.56 -39.89 -42.59
C ALA A 123 4.57 -40.83 -41.88
N VAL A 124 4.92 -42.11 -41.79
CA VAL A 124 4.07 -43.11 -41.17
C VAL A 124 4.89 -44.06 -40.30
N ARG A 125 4.27 -44.59 -39.25
CA ARG A 125 4.94 -45.49 -38.32
C ARG A 125 4.06 -46.68 -37.92
N PHE A 126 4.45 -47.87 -38.37
CA PHE A 126 3.74 -49.09 -38.02
C PHE A 126 4.68 -50.06 -37.31
N SER A 127 4.28 -50.51 -36.12
CA SER A 127 5.09 -51.45 -35.35
C SER A 127 4.26 -52.15 -34.27
N ASN A 128 4.62 -53.40 -33.99
CA ASN A 128 3.93 -54.20 -32.98
C ASN A 128 2.44 -54.41 -33.30
N ASN A 129 2.19 -54.94 -34.49
CA ASN A 129 0.83 -55.28 -34.92
C ASN A 129 0.80 -56.69 -35.51
N PRO A 130 0.96 -57.71 -34.65
CA PRO A 130 1.17 -59.10 -35.09
C PRO A 130 0.01 -59.70 -35.87
N ALA A 131 -1.21 -59.20 -35.66
CA ALA A 131 -2.41 -59.80 -36.23
C ALA A 131 -2.92 -59.05 -37.47
N LEU A 132 -2.17 -58.04 -37.90
CA LEU A 132 -2.58 -57.22 -39.04
C LEU A 132 -2.50 -58.01 -40.35
N CYS A 208 -7.57 -34.87 -63.15
CA CYS A 208 -7.01 -34.28 -61.95
C CYS A 208 -6.49 -32.86 -62.20
N HIS A 209 -6.91 -31.93 -61.35
CA HIS A 209 -6.50 -30.53 -61.48
C HIS A 209 -5.12 -30.33 -60.87
N ASN A 210 -4.77 -29.07 -60.63
CA ASN A 210 -3.47 -28.71 -60.09
C ASN A 210 -3.50 -28.48 -58.57
N GLN A 211 -4.67 -28.16 -58.05
CA GLN A 211 -4.83 -27.84 -56.62
C GLN A 211 -5.73 -28.85 -55.91
N CYS A 212 -5.73 -30.09 -56.41
CA CYS A 212 -6.50 -31.18 -55.79
C CYS A 212 -5.58 -32.08 -54.99
N ALA A 213 -6.09 -33.23 -54.54
CA ALA A 213 -5.34 -34.08 -53.61
C ALA A 213 -5.57 -35.57 -53.82
N ALA A 214 -6.69 -36.09 -53.30
CA ALA A 214 -6.93 -37.53 -53.29
C ALA A 214 -7.03 -38.11 -54.70
N GLY A 215 -8.21 -38.00 -55.30
CA GLY A 215 -8.44 -38.45 -56.65
C GLY A 215 -9.17 -37.36 -57.42
N CYS A 216 -9.69 -37.70 -58.61
CA CYS A 216 -10.37 -36.71 -59.42
C CYS A 216 -11.50 -37.33 -60.27
N THR A 217 -12.71 -36.82 -60.07
CA THR A 217 -13.87 -37.18 -60.88
C THR A 217 -14.00 -36.19 -62.04
N GLY A 218 -12.85 -35.80 -62.59
CA GLY A 218 -12.81 -34.84 -63.68
C GLY A 218 -11.50 -34.09 -63.70
N PRO A 219 -11.19 -33.44 -64.83
CA PRO A 219 -9.93 -32.71 -65.00
C PRO A 219 -9.93 -31.35 -64.29
N ARG A 220 -11.12 -30.83 -64.00
CA ARG A 220 -11.25 -29.51 -63.38
C ARG A 220 -10.96 -29.58 -61.88
N GLU A 221 -11.04 -28.43 -61.22
CA GLU A 221 -10.76 -28.34 -59.79
C GLU A 221 -11.98 -28.74 -58.97
N SER A 222 -13.16 -28.27 -59.38
CA SER A 222 -14.41 -28.63 -58.72
C SER A 222 -14.62 -30.13 -58.82
N ASP A 223 -14.24 -30.70 -59.96
CA ASP A 223 -14.36 -32.13 -60.19
C ASP A 223 -13.21 -32.88 -59.53
N CYS A 224 -13.13 -32.78 -58.20
CA CYS A 224 -12.16 -33.52 -57.41
C CYS A 224 -12.81 -34.05 -56.13
N LEU A 225 -12.26 -35.15 -55.62
CA LEU A 225 -12.81 -35.79 -54.44
C LEU A 225 -12.57 -34.96 -53.19
N VAL A 226 -11.31 -34.58 -52.96
CA VAL A 226 -10.94 -33.74 -51.83
C VAL A 226 -9.84 -32.78 -52.26
N CYS A 227 -9.94 -31.54 -51.79
CA CYS A 227 -8.99 -30.50 -52.14
C CYS A 227 -7.65 -30.72 -51.44
N ARG A 228 -6.63 -30.00 -51.90
CA ARG A 228 -5.30 -30.08 -51.30
C ARG A 228 -5.15 -29.06 -50.19
N LYS A 229 -5.33 -27.78 -50.55
CA LYS A 229 -5.23 -26.69 -49.59
C LYS A 229 -6.60 -26.38 -48.98
N PHE A 230 -7.38 -25.57 -49.67
CA PHE A 230 -8.69 -25.19 -49.16
C PHE A 230 -9.82 -25.55 -50.13
N ARG A 231 -11.05 -25.40 -49.66
CA ARG A 231 -12.23 -25.61 -50.48
C ARG A 231 -13.17 -24.43 -50.29
N ASP A 232 -13.98 -24.14 -51.31
CA ASP A 232 -14.90 -23.00 -51.24
C ASP A 232 -16.14 -23.26 -52.09
N GLU A 233 -17.05 -24.07 -51.57
CA GLU A 233 -18.23 -24.49 -52.32
C GLU A 233 -17.80 -25.25 -53.57
N ALA A 234 -17.52 -26.54 -53.40
CA ALA A 234 -17.06 -27.43 -54.47
C ALA A 234 -15.67 -27.06 -54.99
N THR A 235 -15.45 -25.78 -55.26
CA THR A 235 -14.17 -25.29 -55.76
C THR A 235 -12.99 -25.66 -54.85
N CYS A 236 -11.90 -26.13 -55.45
CA CYS A 236 -10.68 -26.47 -54.72
C CYS A 236 -9.60 -25.43 -54.96
N LYS A 237 -9.60 -24.39 -54.13
CA LYS A 237 -8.61 -23.32 -54.23
C LYS A 237 -7.39 -23.64 -53.38
N ASP A 238 -6.28 -22.95 -53.65
CA ASP A 238 -5.06 -23.13 -52.88
C ASP A 238 -5.04 -22.17 -51.69
N THR A 239 -5.89 -21.15 -51.74
CA THR A 239 -6.05 -20.20 -50.63
C THR A 239 -7.42 -19.56 -50.67
N CYS A 240 -7.94 -19.20 -49.50
CA CYS A 240 -9.28 -18.60 -49.41
C CYS A 240 -9.28 -17.17 -49.91
N PRO A 241 -10.44 -16.69 -50.39
CA PRO A 241 -10.55 -15.31 -50.89
C PRO A 241 -10.25 -14.27 -49.80
N PRO A 242 -9.24 -13.41 -50.01
CA PRO A 242 -8.83 -12.40 -49.02
C PRO A 242 -9.96 -11.48 -48.56
N LEU A 243 -9.86 -11.00 -47.31
CA LEU A 243 -10.86 -10.13 -46.73
C LEU A 243 -10.89 -8.78 -47.45
N MET A 244 -9.71 -8.33 -47.90
CA MET A 244 -9.58 -7.06 -48.59
C MET A 244 -8.80 -7.23 -49.89
N LEU A 245 -9.01 -6.30 -50.82
CA LEU A 245 -8.33 -6.30 -52.12
C LEU A 245 -7.75 -4.92 -52.42
N TYR A 246 -6.53 -4.91 -52.94
CA TYR A 246 -5.84 -3.66 -53.23
C TYR A 246 -6.56 -2.88 -54.32
N ASN A 247 -6.98 -1.67 -53.99
CA ASN A 247 -7.60 -0.76 -54.95
C ASN A 247 -6.53 0.06 -55.68
N PRO A 248 -6.30 -0.21 -56.99
CA PRO A 248 -5.23 0.52 -57.68
C PRO A 248 -5.57 1.99 -57.97
N THR A 249 -6.81 2.39 -57.70
CA THR A 249 -7.25 3.75 -57.95
C THR A 249 -6.84 4.70 -56.82
N THR A 250 -7.46 4.54 -55.65
CA THR A 250 -7.18 5.39 -54.50
C THR A 250 -5.93 4.94 -53.72
N TYR A 251 -5.26 3.91 -54.23
CA TYR A 251 -4.04 3.36 -53.61
C TYR A 251 -4.30 2.82 -52.21
N GLN A 252 -5.58 2.72 -51.82
CA GLN A 252 -5.95 2.23 -50.50
C GLN A 252 -6.46 0.78 -50.60
N MET A 253 -6.96 0.26 -49.48
CA MET A 253 -7.57 -1.06 -49.45
C MET A 253 -9.08 -0.94 -49.34
N ASP A 254 -9.79 -1.95 -49.82
CA ASP A 254 -11.24 -1.99 -49.72
C ASP A 254 -11.68 -3.37 -49.23
N VAL A 255 -12.81 -3.42 -48.53
CA VAL A 255 -13.32 -4.66 -47.97
C VAL A 255 -13.92 -5.54 -49.07
N ASN A 256 -13.27 -6.67 -49.35
CA ASN A 256 -13.73 -7.57 -50.42
C ASN A 256 -15.09 -8.20 -50.11
N PRO A 257 -16.11 -7.92 -50.95
CA PRO A 257 -17.41 -8.58 -50.75
C PRO A 257 -17.42 -10.05 -51.17
N GLU A 258 -16.32 -10.53 -51.76
CA GLU A 258 -16.18 -11.93 -52.14
C GLU A 258 -15.24 -12.67 -51.18
N GLY A 259 -14.81 -11.96 -50.14
CA GLY A 259 -13.88 -12.53 -49.15
C GLY A 259 -14.59 -13.39 -48.13
N LYS A 260 -13.88 -14.40 -47.63
CA LYS A 260 -14.45 -15.35 -46.68
C LYS A 260 -13.42 -15.80 -45.66
N TYR A 261 -13.89 -16.13 -44.46
CA TYR A 261 -13.01 -16.63 -43.40
C TYR A 261 -12.59 -18.06 -43.69
N SER A 262 -11.54 -18.51 -43.03
CA SER A 262 -10.98 -19.83 -43.28
C SER A 262 -11.33 -20.81 -42.16
N PHE A 263 -12.57 -21.29 -42.16
CA PHE A 263 -12.98 -22.32 -41.21
C PHE A 263 -12.47 -23.69 -41.65
N GLY A 264 -11.45 -24.21 -40.97
CA GLY A 264 -10.82 -25.46 -41.37
C GLY A 264 -10.27 -25.31 -42.78
N ALA A 265 -10.33 -26.38 -43.58
CA ALA A 265 -9.93 -26.31 -44.98
C ALA A 265 -11.12 -25.91 -45.86
N THR A 266 -11.89 -24.96 -45.35
CA THR A 266 -13.07 -24.45 -46.05
C THR A 266 -13.06 -22.93 -46.01
N CYS A 267 -13.62 -22.31 -47.05
CA CYS A 267 -13.75 -20.85 -47.10
C CYS A 267 -15.20 -20.46 -46.89
N VAL A 268 -15.57 -20.14 -45.65
CA VAL A 268 -16.93 -19.76 -45.32
C VAL A 268 -17.10 -18.26 -45.20
N LYS A 269 -18.21 -17.74 -45.71
CA LYS A 269 -18.43 -16.29 -45.71
C LYS A 269 -18.73 -15.77 -44.30
N LYS A 270 -18.97 -16.69 -43.37
CA LYS A 270 -19.22 -16.32 -41.98
C LYS A 270 -18.85 -17.48 -41.07
N CYS A 271 -18.26 -17.16 -39.93
CA CYS A 271 -17.89 -18.18 -38.95
C CYS A 271 -19.15 -18.88 -38.44
N PRO A 272 -19.05 -20.20 -38.16
CA PRO A 272 -20.20 -20.98 -37.69
C PRO A 272 -20.67 -20.59 -36.28
N ARG A 273 -21.69 -21.30 -35.79
CA ARG A 273 -22.27 -21.03 -34.48
C ARG A 273 -21.26 -21.32 -33.37
N ASN A 274 -21.04 -20.32 -32.51
CA ASN A 274 -20.14 -20.47 -31.37
C ASN A 274 -18.68 -20.67 -31.81
N TYR A 275 -18.27 -19.88 -32.80
CA TYR A 275 -16.89 -19.84 -33.27
C TYR A 275 -16.46 -18.38 -33.36
N VAL A 276 -15.15 -18.14 -33.39
CA VAL A 276 -14.62 -16.77 -33.35
C VAL A 276 -13.55 -16.53 -34.41
N VAL A 277 -13.50 -15.31 -34.92
CA VAL A 277 -12.54 -14.95 -35.96
C VAL A 277 -11.15 -14.70 -35.38
N THR A 278 -10.13 -15.21 -36.04
CA THR A 278 -8.76 -14.91 -35.65
C THR A 278 -8.43 -13.45 -35.92
N ASP A 279 -7.26 -13.01 -35.44
CA ASP A 279 -6.75 -11.69 -35.79
C ASP A 279 -6.53 -11.62 -37.30
N HIS A 280 -6.40 -12.79 -37.92
CA HIS A 280 -6.35 -12.89 -39.37
C HIS A 280 -6.94 -14.22 -39.86
N GLY A 281 -8.06 -14.13 -40.56
CA GLY A 281 -8.59 -15.27 -41.30
C GLY A 281 -9.59 -16.16 -40.58
N SER A 282 -9.06 -17.21 -39.93
CA SER A 282 -9.85 -18.38 -39.55
C SER A 282 -10.99 -18.14 -38.56
N CYS A 283 -11.72 -19.23 -38.30
CA CYS A 283 -12.84 -19.25 -37.38
C CYS A 283 -12.61 -20.29 -36.29
N VAL A 284 -12.09 -19.86 -35.14
CA VAL A 284 -11.80 -20.78 -34.04
C VAL A 284 -12.74 -20.55 -32.86
N ARG A 285 -12.95 -21.58 -32.05
CA ARG A 285 -13.84 -21.48 -30.90
C ARG A 285 -13.18 -20.71 -29.75
N ALA A 286 -11.86 -20.79 -29.67
CA ALA A 286 -11.09 -20.15 -28.60
C ALA A 286 -10.03 -19.19 -29.15
N CYS A 287 -10.05 -17.95 -28.66
CA CYS A 287 -9.06 -16.95 -29.07
C CYS A 287 -7.68 -17.36 -28.57
N GLY A 288 -7.63 -17.85 -27.34
CA GLY A 288 -6.38 -18.32 -26.77
C GLY A 288 -5.60 -17.20 -26.09
N ALA A 289 -4.36 -17.50 -25.73
CA ALA A 289 -3.48 -16.53 -25.06
C ALA A 289 -3.10 -15.37 -25.98
N ASP A 290 -2.48 -14.35 -25.40
CA ASP A 290 -2.00 -13.20 -26.17
C ASP A 290 -3.11 -12.53 -26.98
N SER A 291 -4.37 -12.88 -26.68
CA SER A 291 -5.52 -12.35 -27.42
C SER A 291 -6.82 -12.45 -26.61
N TYR A 292 -7.71 -11.49 -26.83
CA TYR A 292 -9.00 -11.45 -26.14
C TYR A 292 -10.13 -11.34 -27.14
N GLU A 293 -11.36 -11.42 -26.65
CA GLU A 293 -12.55 -11.47 -27.50
C GLU A 293 -13.25 -10.12 -27.58
N MET A 294 -13.19 -9.52 -28.77
CA MET A 294 -13.86 -8.24 -29.04
C MET A 294 -14.92 -8.43 -30.12
N GLU A 295 -15.84 -7.47 -30.22
CA GLU A 295 -16.92 -7.54 -31.19
C GLU A 295 -16.75 -6.46 -32.26
N GLU A 296 -17.06 -6.81 -33.52
CA GLU A 296 -16.90 -5.88 -34.64
C GLU A 296 -17.82 -6.29 -35.79
N ASP A 297 -18.81 -5.44 -36.07
CA ASP A 297 -19.78 -5.69 -37.12
C ASP A 297 -20.67 -6.88 -36.77
N GLY A 298 -21.04 -6.99 -35.50
CA GLY A 298 -21.92 -8.05 -35.04
C GLY A 298 -21.22 -9.40 -34.89
N VAL A 299 -19.97 -9.46 -35.33
CA VAL A 299 -19.17 -10.69 -35.30
C VAL A 299 -18.08 -10.60 -34.24
N ARG A 300 -18.15 -11.48 -33.24
CA ARG A 300 -17.12 -11.57 -32.21
C ARG A 300 -15.79 -12.00 -32.83
N LYS A 301 -14.74 -11.20 -32.61
CA LYS A 301 -13.42 -11.46 -33.16
C LYS A 301 -12.39 -11.65 -32.05
N CYS A 302 -11.14 -11.89 -32.42
CA CYS A 302 -10.07 -12.12 -31.44
C CYS A 302 -8.96 -11.07 -31.58
N LYS A 303 -9.08 -9.99 -30.81
CA LYS A 303 -8.07 -8.93 -30.83
C LYS A 303 -6.89 -9.30 -29.94
N LYS A 304 -5.68 -9.01 -30.39
CA LYS A 304 -4.48 -9.34 -29.64
C LYS A 304 -4.39 -8.50 -28.36
N CYS A 305 -3.89 -9.11 -27.28
CA CYS A 305 -3.72 -8.40 -26.01
C CYS A 305 -2.52 -7.47 -26.09
N GLU A 306 -2.76 -6.18 -25.92
CA GLU A 306 -1.67 -5.21 -25.84
C GLU A 306 -0.83 -5.51 -24.61
N GLY A 307 0.18 -6.36 -24.78
CA GLY A 307 0.97 -6.84 -23.66
C GLY A 307 0.36 -8.12 -23.10
N PRO A 308 0.43 -8.31 -21.76
CA PRO A 308 -0.20 -9.48 -21.15
C PRO A 308 -1.72 -9.39 -21.19
N CYS A 309 -2.40 -10.52 -21.40
CA CYS A 309 -3.86 -10.52 -21.38
C CYS A 309 -4.34 -10.22 -19.98
N ARG A 310 -5.52 -9.64 -19.87
CA ARG A 310 -6.04 -9.29 -18.57
C ARG A 310 -6.40 -10.56 -17.81
N LYS A 311 -5.82 -10.69 -16.63
CA LYS A 311 -6.13 -11.80 -15.74
C LYS A 311 -6.46 -11.28 -14.34
N VAL A 312 -7.75 -11.30 -14.03
CA VAL A 312 -8.22 -10.97 -12.68
C VAL A 312 -7.76 -12.04 -11.71
N CYS A 313 -7.44 -11.65 -10.48
CA CYS A 313 -7.04 -12.60 -9.45
C CYS A 313 -7.55 -12.16 -8.09
N ASN A 314 -7.72 -13.13 -7.21
CA ASN A 314 -8.16 -12.83 -5.85
C ASN A 314 -7.02 -12.24 -5.02
N GLY A 315 -7.37 -11.32 -4.14
CA GLY A 315 -6.39 -10.70 -3.26
C GLY A 315 -6.32 -11.37 -1.91
N ILE A 316 -5.42 -10.89 -1.06
CA ILE A 316 -5.26 -11.45 0.28
C ILE A 316 -6.56 -11.35 1.06
N GLY A 317 -6.93 -12.44 1.73
CA GLY A 317 -8.13 -12.48 2.55
C GLY A 317 -9.28 -13.19 1.86
N ILE A 318 -9.18 -13.33 0.53
CA ILE A 318 -10.25 -13.92 -0.28
C ILE A 318 -9.83 -15.27 -0.87
N GLY A 319 -10.81 -16.15 -1.05
CA GLY A 319 -10.64 -17.41 -1.76
C GLY A 319 -9.38 -18.16 -1.38
N GLU A 320 -8.48 -18.29 -2.35
CA GLU A 320 -7.20 -18.99 -2.15
C GLU A 320 -6.48 -18.53 -0.89
N PHE A 321 -6.73 -17.28 -0.49
CA PHE A 321 -6.04 -16.66 0.63
C PHE A 321 -7.03 -16.19 1.69
N LYS A 322 -8.00 -17.05 2.00
CA LYS A 322 -9.05 -16.71 2.95
C LYS A 322 -8.46 -16.35 4.31
N ASP A 323 -7.78 -17.32 4.93
CA ASP A 323 -7.20 -17.14 6.25
C ASP A 323 -5.73 -16.75 6.14
N SER A 324 -5.40 -16.05 5.06
CA SER A 324 -4.03 -15.61 4.81
C SER A 324 -3.77 -14.26 5.44
N LEU A 325 -2.59 -14.14 6.01
CA LEU A 325 -2.19 -12.95 6.74
C LEU A 325 -1.41 -12.02 5.82
N SER A 326 -0.60 -12.60 4.93
CA SER A 326 0.25 -11.84 4.04
C SER A 326 0.57 -12.61 2.77
N ILE A 327 1.21 -11.94 1.82
CA ILE A 327 1.81 -12.62 0.68
C ILE A 327 3.05 -13.38 1.16
N ASN A 328 3.01 -14.71 1.10
CA ASN A 328 4.10 -15.55 1.61
C ASN A 328 4.68 -16.43 0.52
N ALA A 329 5.76 -17.15 0.85
CA ALA A 329 6.44 -18.01 -0.10
C ALA A 329 5.50 -19.05 -0.71
N THR A 330 4.47 -19.41 0.04
CA THR A 330 3.48 -20.38 -0.42
C THR A 330 2.60 -19.77 -1.51
N ASN A 331 1.84 -18.73 -1.16
CA ASN A 331 0.80 -18.19 -2.04
C ASN A 331 1.32 -17.31 -3.17
N ILE A 332 2.59 -16.93 -3.11
CA ILE A 332 3.13 -15.94 -4.03
C ILE A 332 3.03 -16.42 -5.48
N LYS A 333 3.12 -17.73 -5.66
CA LYS A 333 3.15 -18.33 -6.99
C LYS A 333 1.86 -18.08 -7.77
N HIS A 334 0.73 -18.07 -7.08
CA HIS A 334 -0.58 -18.00 -7.72
C HIS A 334 -0.87 -16.62 -8.35
N PHE A 335 -0.03 -15.65 -8.05
CA PHE A 335 -0.22 -14.31 -8.58
C PHE A 335 0.42 -14.15 -9.96
N LYS A 336 0.88 -15.26 -10.53
CA LYS A 336 1.55 -15.25 -11.83
C LYS A 336 0.62 -14.73 -12.93
N ASN A 337 1.12 -13.78 -13.71
CA ASN A 337 0.39 -13.24 -14.85
C ASN A 337 -0.93 -12.54 -14.46
N CYS A 338 -1.12 -12.27 -13.18
CA CYS A 338 -2.28 -11.50 -12.72
C CYS A 338 -2.09 -10.04 -13.12
N THR A 339 -3.19 -9.37 -13.46
CA THR A 339 -3.12 -7.97 -13.86
C THR A 339 -4.01 -7.10 -12.98
N SER A 340 -5.11 -7.68 -12.52
CA SER A 340 -6.06 -6.97 -11.69
C SER A 340 -6.37 -7.78 -10.45
N ILE A 341 -6.19 -7.16 -9.28
CA ILE A 341 -6.46 -7.81 -8.01
C ILE A 341 -7.84 -7.45 -7.51
N SER A 342 -8.70 -8.45 -7.39
CA SER A 342 -10.03 -8.28 -6.82
C SER A 342 -9.97 -8.40 -5.30
N GLY A 343 -9.48 -7.34 -4.65
CA GLY A 343 -9.35 -7.32 -3.21
C GLY A 343 -8.17 -6.49 -2.77
N ASP A 344 -7.49 -6.94 -1.72
CA ASP A 344 -6.41 -6.19 -1.09
C ASP A 344 -5.07 -6.89 -1.28
N LEU A 345 -3.97 -6.20 -0.96
CA LEU A 345 -2.63 -6.74 -1.13
C LEU A 345 -1.77 -6.38 0.09
N HIS A 346 -1.38 -7.41 0.85
CA HIS A 346 -0.64 -7.24 2.09
C HIS A 346 0.75 -7.78 1.93
N ILE A 347 1.75 -7.00 2.32
CA ILE A 347 3.13 -7.49 2.36
C ILE A 347 3.71 -7.15 3.73
N LEU A 348 3.74 -8.17 4.59
CA LEU A 348 4.13 -8.00 5.97
C LEU A 348 5.43 -8.77 6.27
N PRO A 349 6.15 -8.36 7.33
CA PRO A 349 7.45 -8.98 7.65
C PRO A 349 7.40 -10.50 7.86
N VAL A 350 6.27 -11.03 8.34
CA VAL A 350 6.14 -12.47 8.59
C VAL A 350 6.45 -13.27 7.34
N ALA A 351 6.18 -12.66 6.19
CA ALA A 351 6.44 -13.30 4.91
C ALA A 351 7.93 -13.57 4.72
N PHE A 352 8.76 -12.67 5.25
CA PHE A 352 10.21 -12.76 5.10
C PHE A 352 10.84 -13.60 6.22
N ARG A 353 10.14 -13.67 7.35
CA ARG A 353 10.58 -14.50 8.47
C ARG A 353 10.13 -15.95 8.29
N GLY A 354 8.92 -16.11 7.77
CA GLY A 354 8.28 -17.41 7.71
C GLY A 354 7.51 -17.65 9.00
N ASP A 355 6.38 -18.34 8.90
CA ASP A 355 5.55 -18.66 10.05
C ASP A 355 5.44 -20.16 10.24
N SER A 356 6.16 -20.70 11.20
CA SER A 356 6.11 -22.12 11.51
C SER A 356 4.67 -22.56 11.80
N PHE A 357 3.96 -21.71 12.53
CA PHE A 357 2.59 -21.98 12.95
C PHE A 357 1.63 -22.21 11.78
N THR A 358 2.07 -21.89 10.57
CA THR A 358 1.31 -22.18 9.36
C THR A 358 2.13 -23.04 8.39
N HIS A 359 3.29 -23.50 8.86
CA HIS A 359 4.18 -24.31 8.04
C HIS A 359 4.55 -23.53 6.77
N THR A 360 4.83 -22.24 6.93
CA THR A 360 5.16 -21.35 5.82
C THR A 360 6.63 -20.95 5.85
N PRO A 361 7.43 -21.37 4.85
CA PRO A 361 8.85 -21.00 4.88
C PRO A 361 9.07 -19.53 4.54
N PRO A 362 10.30 -19.03 4.75
CA PRO A 362 10.67 -17.68 4.34
C PRO A 362 10.48 -17.44 2.84
N LEU A 363 10.09 -16.23 2.49
CA LEU A 363 9.95 -15.81 1.10
C LEU A 363 11.25 -15.19 0.62
N ASP A 364 11.73 -15.62 -0.54
CA ASP A 364 12.90 -14.99 -1.13
C ASP A 364 12.43 -13.76 -1.91
N PRO A 365 12.99 -12.59 -1.60
CA PRO A 365 12.49 -11.33 -2.15
C PRO A 365 12.35 -11.33 -3.67
N GLN A 366 13.15 -12.17 -4.35
CA GLN A 366 13.20 -12.13 -5.80
C GLN A 366 11.84 -12.52 -6.39
N GLU A 367 11.06 -13.27 -5.64
CA GLU A 367 9.79 -13.78 -6.16
C GLU A 367 8.69 -12.71 -6.12
N LEU A 368 9.03 -11.52 -5.65
CA LEU A 368 8.09 -10.40 -5.67
C LEU A 368 7.91 -9.90 -7.10
N ASP A 369 8.88 -10.21 -7.96
CA ASP A 369 8.86 -9.76 -9.35
C ASP A 369 7.58 -10.20 -10.04
N ILE A 370 6.97 -11.26 -9.50
CA ILE A 370 5.72 -11.81 -10.01
C ILE A 370 4.63 -10.75 -10.06
N LEU A 371 4.71 -9.77 -9.15
CA LEU A 371 3.67 -8.76 -9.05
C LEU A 371 3.86 -7.64 -10.07
N LYS A 372 4.94 -7.70 -10.85
CA LYS A 372 5.23 -6.66 -11.83
C LYS A 372 4.13 -6.58 -12.89
N THR A 373 3.34 -7.65 -12.99
CA THR A 373 2.30 -7.71 -13.99
C THR A 373 1.00 -7.08 -13.51
N VAL A 374 0.99 -6.63 -12.24
CA VAL A 374 -0.20 -6.04 -11.65
C VAL A 374 -0.35 -4.57 -12.02
N LYS A 375 -1.52 -4.21 -12.54
CA LYS A 375 -1.78 -2.86 -13.04
C LYS A 375 -2.86 -2.19 -12.23
N GLU A 376 -3.67 -2.98 -11.54
CA GLU A 376 -4.75 -2.40 -10.75
C GLU A 376 -5.07 -3.23 -9.51
N ILE A 377 -5.54 -2.54 -8.48
CA ILE A 377 -5.96 -3.16 -7.23
C ILE A 377 -7.27 -2.53 -6.77
N THR A 378 -8.31 -3.34 -6.61
CA THR A 378 -9.63 -2.84 -6.24
C THR A 378 -9.67 -2.31 -4.81
N GLY A 379 -8.93 -2.98 -3.94
CA GLY A 379 -8.90 -2.62 -2.53
C GLY A 379 -7.73 -1.72 -2.18
N PHE A 380 -6.97 -2.11 -1.16
CA PHE A 380 -5.84 -1.31 -0.72
C PHE A 380 -4.52 -2.05 -0.87
N LEU A 381 -3.43 -1.30 -0.71
CA LEU A 381 -2.08 -1.85 -0.83
C LEU A 381 -1.32 -1.55 0.45
N LEU A 382 -0.93 -2.61 1.17
CA LEU A 382 -0.27 -2.48 2.46
C LEU A 382 1.12 -3.12 2.42
N ILE A 383 2.13 -2.29 2.59
CA ILE A 383 3.51 -2.75 2.57
C ILE A 383 4.19 -2.33 3.86
N GLN A 384 4.38 -3.31 4.75
CA GLN A 384 5.02 -3.09 6.04
C GLN A 384 6.39 -3.74 6.09
N ALA A 385 6.76 -4.40 5.00
CA ALA A 385 8.06 -5.05 4.91
C ALA A 385 8.52 -5.01 3.46
N TRP A 386 9.82 -4.91 3.26
CA TRP A 386 10.36 -4.79 1.92
C TRP A 386 11.85 -5.08 1.91
N PRO A 387 12.35 -5.79 0.87
CA PRO A 387 13.77 -6.02 0.64
C PRO A 387 14.65 -4.81 0.95
N GLU A 388 15.52 -4.95 1.95
CA GLU A 388 16.31 -3.82 2.42
C GLU A 388 17.32 -3.34 1.37
N ASN A 389 17.75 -4.24 0.51
CA ASN A 389 18.71 -3.93 -0.54
C ASN A 389 18.04 -3.38 -1.80
N ARG A 390 16.72 -3.31 -1.77
CA ARG A 390 15.97 -2.77 -2.91
C ARG A 390 15.52 -1.35 -2.64
N THR A 391 15.80 -0.50 -3.62
CA THR A 391 15.74 0.94 -3.48
C THR A 391 14.34 1.50 -3.59
N ASP A 392 13.46 0.77 -4.26
CA ASP A 392 12.09 1.22 -4.45
C ASP A 392 11.10 0.07 -4.60
N LEU A 393 9.82 0.41 -4.68
CA LEU A 393 8.78 -0.58 -4.85
C LEU A 393 8.80 -1.06 -6.31
N HIS A 394 9.87 -1.76 -6.68
CA HIS A 394 10.07 -2.11 -8.08
C HIS A 394 8.91 -2.95 -8.59
N ALA A 395 8.43 -3.86 -7.76
CA ALA A 395 7.45 -4.85 -8.18
C ALA A 395 6.10 -4.20 -8.51
N PHE A 396 5.99 -2.91 -8.26
CA PHE A 396 4.76 -2.18 -8.57
C PHE A 396 5.04 -1.04 -9.54
N GLU A 397 6.09 -1.21 -10.35
CA GLU A 397 6.47 -0.18 -11.30
C GLU A 397 5.40 0.02 -12.38
N ASN A 398 4.47 -0.94 -12.47
CA ASN A 398 3.43 -0.90 -13.49
C ASN A 398 2.02 -0.73 -12.94
N LEU A 399 1.94 -0.58 -11.62
CA LEU A 399 0.67 -0.31 -10.97
C LEU A 399 0.11 1.03 -11.44
N GLU A 400 -1.12 1.00 -11.98
CA GLU A 400 -1.73 2.19 -12.57
C GLU A 400 -2.79 2.78 -11.66
N ILE A 401 -3.51 1.94 -10.93
CA ILE A 401 -4.61 2.43 -10.12
C ILE A 401 -4.90 1.61 -8.86
N ILE A 402 -5.26 2.32 -7.79
CA ILE A 402 -5.74 1.70 -6.56
C ILE A 402 -7.11 2.29 -6.27
N ARG A 403 -8.15 1.48 -6.42
CA ARG A 403 -9.52 1.99 -6.33
C ARG A 403 -9.93 2.21 -4.89
N GLY A 404 -9.27 1.49 -3.97
CA GLY A 404 -9.54 1.66 -2.56
C GLY A 404 -10.99 1.41 -2.23
N ARG A 405 -11.55 0.35 -2.81
CA ARG A 405 -12.93 -0.04 -2.54
C ARG A 405 -13.00 -0.67 -1.16
N THR A 406 -11.87 -1.21 -0.73
CA THR A 406 -11.70 -1.73 0.62
C THR A 406 -10.47 -1.06 1.19
N LYS A 407 -10.47 -0.78 2.49
CA LYS A 407 -9.43 0.06 3.08
C LYS A 407 -8.97 -0.45 4.44
N GLN A 408 -7.69 -0.27 4.75
CA GLN A 408 -7.16 -0.76 6.01
C GLN A 408 -7.79 0.01 7.16
N HIS A 409 -8.37 -0.72 8.11
CA HIS A 409 -9.10 -0.10 9.21
C HIS A 409 -10.18 0.85 8.69
N GLY A 410 -10.64 0.58 7.46
CA GLY A 410 -11.68 1.39 6.83
C GLY A 410 -11.17 2.77 6.46
N GLN A 411 -9.84 2.89 6.40
CA GLN A 411 -9.18 4.19 6.33
C GLN A 411 -8.25 4.29 5.12
N PHE A 412 -7.25 3.40 5.06
CA PHE A 412 -6.14 3.58 4.12
C PHE A 412 -6.30 2.75 2.86
N SER A 413 -5.94 3.34 1.71
CA SER A 413 -5.88 2.60 0.45
C SER A 413 -4.42 2.36 0.07
N LEU A 414 -3.52 3.19 0.60
CA LEU A 414 -2.08 2.99 0.40
C LEU A 414 -1.34 3.28 1.70
N ALA A 415 -0.53 2.32 2.14
CA ALA A 415 0.22 2.48 3.37
C ALA A 415 1.60 1.86 3.22
N VAL A 416 2.62 2.67 3.51
CA VAL A 416 4.00 2.23 3.37
C VAL A 416 4.73 2.62 4.64
N VAL A 417 5.11 1.64 5.45
CA VAL A 417 5.61 1.95 6.79
C VAL A 417 6.91 1.24 7.19
N SER A 418 7.90 2.05 7.56
CA SER A 418 9.19 1.57 8.08
C SER A 418 9.89 0.67 7.06
N LEU A 419 10.11 1.19 5.85
CA LEU A 419 10.87 0.48 4.83
C LEU A 419 12.19 1.17 4.63
N ASN A 420 13.10 0.47 3.94
CA ASN A 420 14.45 0.98 3.77
C ASN A 420 14.59 1.78 2.50
N ILE A 421 13.55 1.76 1.68
CA ILE A 421 13.59 2.32 0.33
C ILE A 421 13.99 3.78 0.29
N THR A 422 14.40 4.21 -0.91
CA THR A 422 14.87 5.57 -1.13
C THR A 422 13.83 6.36 -1.92
N SER A 423 13.15 5.67 -2.84
CA SER A 423 12.08 6.27 -3.63
C SER A 423 10.91 5.29 -3.71
N LEU A 424 9.69 5.81 -3.79
CA LEU A 424 8.51 4.96 -3.89
C LEU A 424 8.50 4.18 -5.20
N GLY A 425 8.64 4.92 -6.30
CA GLY A 425 8.85 4.31 -7.60
C GLY A 425 7.57 3.86 -8.30
N LEU A 426 6.46 4.50 -7.94
CA LEU A 426 5.17 4.16 -8.53
C LEU A 426 4.95 5.05 -9.75
N ARG A 427 5.88 4.98 -10.70
CA ARG A 427 5.88 5.92 -11.81
C ARG A 427 4.69 5.75 -12.76
N SER A 428 3.98 4.64 -12.63
CA SER A 428 2.82 4.33 -13.46
C SER A 428 1.50 4.64 -12.75
N LEU A 429 1.57 4.94 -11.46
CA LEU A 429 0.38 5.30 -10.68
C LEU A 429 -0.26 6.59 -11.18
N LYS A 430 -1.54 6.52 -11.52
CA LYS A 430 -2.25 7.66 -12.09
C LYS A 430 -3.52 7.95 -11.31
N GLU A 431 -3.98 6.99 -10.51
CA GLU A 431 -5.21 7.20 -9.75
C GLU A 431 -5.26 6.45 -8.43
N ILE A 432 -5.80 7.11 -7.41
CA ILE A 432 -6.23 6.43 -6.19
C ILE A 432 -7.65 6.87 -5.87
N SER A 433 -8.62 6.07 -6.28
CA SER A 433 -10.01 6.49 -6.35
C SER A 433 -10.61 6.84 -4.99
N ASP A 434 -10.15 6.16 -3.95
CA ASP A 434 -10.65 6.41 -2.61
C ASP A 434 -9.67 5.92 -1.54
N GLY A 435 -9.89 6.37 -0.31
CA GLY A 435 -9.08 5.94 0.81
C GLY A 435 -7.92 6.87 0.99
N ASP A 436 -7.34 6.85 2.18
CA ASP A 436 -6.27 7.78 2.54
C ASP A 436 -4.91 7.14 2.33
N VAL A 437 -3.88 7.98 2.23
CA VAL A 437 -2.52 7.52 1.98
C VAL A 437 -1.66 7.82 3.18
N ILE A 438 -0.88 6.84 3.59
CA ILE A 438 -0.01 7.01 4.75
C ILE A 438 1.38 6.49 4.38
N ILE A 439 2.35 7.41 4.32
CA ILE A 439 3.75 7.07 4.12
C ILE A 439 4.51 7.46 5.38
N SER A 440 4.90 6.47 6.18
CA SER A 440 5.47 6.75 7.52
C SER A 440 6.67 5.90 7.93
N GLY A 441 7.76 6.55 8.32
CA GLY A 441 8.85 5.86 9.00
C GLY A 441 9.95 5.35 8.10
N ASN A 442 9.90 5.74 6.83
CA ASN A 442 10.89 5.33 5.86
C ASN A 442 12.05 6.31 5.91
N LYS A 443 13.04 6.00 6.75
CA LYS A 443 14.09 6.95 7.13
C LYS A 443 14.96 7.41 5.98
N ASN A 444 14.99 6.62 4.91
CA ASN A 444 15.77 6.95 3.73
C ASN A 444 14.92 7.45 2.57
N LEU A 445 13.61 7.51 2.77
CA LEU A 445 12.71 7.82 1.67
C LEU A 445 12.74 9.29 1.29
N CYS A 446 13.23 9.56 0.07
CA CYS A 446 13.21 10.91 -0.48
C CYS A 446 12.04 11.06 -1.45
N TYR A 447 11.90 12.26 -2.02
CA TYR A 447 10.80 12.56 -2.93
C TYR A 447 9.51 12.49 -2.11
N ALA A 448 8.48 11.81 -2.63
CA ALA A 448 7.27 11.51 -1.84
C ALA A 448 6.46 12.74 -1.44
N ASN A 449 7.14 13.75 -0.92
CA ASN A 449 6.49 15.03 -0.65
C ASN A 449 6.39 15.92 -1.91
N THR A 450 6.95 15.47 -3.04
CA THR A 450 6.93 16.25 -4.26
C THR A 450 5.64 16.03 -5.05
N ILE A 451 5.03 14.87 -4.81
CA ILE A 451 3.76 14.54 -5.43
C ILE A 451 2.67 15.48 -4.92
N ASN A 452 1.79 15.90 -5.81
CA ASN A 452 0.51 16.45 -5.39
C ASN A 452 -0.56 15.37 -5.49
N TRP A 453 -0.83 14.71 -4.37
CA TRP A 453 -1.66 13.53 -4.36
C TRP A 453 -3.11 13.88 -4.72
N LYS A 454 -3.44 15.16 -4.65
CA LYS A 454 -4.79 15.62 -5.03
C LYS A 454 -5.09 15.19 -6.47
N LYS A 455 -4.05 15.18 -7.29
CA LYS A 455 -4.19 14.80 -8.68
C LYS A 455 -4.64 13.36 -8.84
N LEU A 456 -4.29 12.51 -7.87
CA LEU A 456 -4.55 11.08 -7.98
C LEU A 456 -5.89 10.73 -7.37
N PHE A 457 -6.33 11.58 -6.45
CA PHE A 457 -7.57 11.33 -5.74
C PHE A 457 -8.76 11.61 -6.64
N GLY A 458 -9.81 10.82 -6.44
CA GLY A 458 -11.05 10.98 -7.18
C GLY A 458 -12.17 11.33 -6.24
N THR A 459 -12.07 10.82 -5.02
CA THR A 459 -13.06 11.04 -3.98
C THR A 459 -12.67 12.18 -3.04
N SER A 460 -13.67 12.95 -2.63
CA SER A 460 -13.43 14.08 -1.74
C SER A 460 -13.14 13.61 -0.33
N GLY A 461 -12.39 14.41 0.43
CA GLY A 461 -12.08 14.05 1.79
C GLY A 461 -10.84 13.18 1.88
N GLN A 462 -10.41 12.64 0.74
CA GLN A 462 -9.17 11.88 0.69
C GLN A 462 -8.03 12.75 1.16
N LYS A 463 -7.24 12.24 2.11
CA LYS A 463 -6.09 12.97 2.62
C LYS A 463 -4.88 12.06 2.73
N THR A 464 -3.71 12.68 2.67
CA THR A 464 -2.44 11.98 2.73
C THR A 464 -1.72 12.36 4.02
N LYS A 465 -0.94 11.43 4.57
CA LYS A 465 -0.07 11.71 5.70
C LYS A 465 1.33 11.20 5.40
N ILE A 466 2.24 12.15 5.17
CA ILE A 466 3.63 11.86 4.81
C ILE A 466 4.54 12.29 5.96
N ILE A 467 4.93 11.32 6.80
CA ILE A 467 5.49 11.63 8.11
C ILE A 467 6.72 10.82 8.48
N SER A 468 7.70 11.49 9.08
CA SER A 468 8.91 10.84 9.58
C SER A 468 9.55 9.94 8.52
N ASN A 469 9.82 10.54 7.38
CA ASN A 469 10.71 9.97 6.38
C ASN A 469 11.90 10.90 6.30
N ARG A 470 12.69 10.79 5.24
CA ARG A 470 13.92 11.55 5.19
C ARG A 470 13.62 13.00 4.86
N GLY A 471 14.28 13.92 5.55
CA GLY A 471 14.04 15.34 5.35
C GLY A 471 14.37 15.78 3.93
N GLU A 472 13.61 16.73 3.41
CA GLU A 472 13.88 17.28 2.10
C GLU A 472 15.32 17.82 2.04
N ASN A 473 15.73 18.53 3.08
CA ASN A 473 17.05 19.17 3.08
C ASN A 473 18.16 18.12 3.04
N SER A 474 18.03 17.03 3.79
CA SER A 474 19.03 15.96 3.69
C SER A 474 19.03 15.48 2.25
N CYS A 475 17.84 15.29 1.69
CA CYS A 475 17.70 14.79 0.33
C CYS A 475 18.34 15.74 -0.68
N LYS A 476 18.35 17.03 -0.37
CA LYS A 476 18.99 18.01 -1.26
C LYS A 476 20.50 17.86 -1.21
N ALA A 477 21.02 17.69 0.00
CA ALA A 477 22.46 17.64 0.22
C ALA A 477 23.11 16.54 -0.62
N THR A 478 22.35 15.49 -0.93
CA THR A 478 22.83 14.39 -1.75
C THR A 478 22.21 14.42 -3.14
N GLY A 479 21.56 15.54 -3.47
CA GLY A 479 21.04 15.76 -4.80
C GLY A 479 20.01 14.73 -5.23
N GLN A 480 19.18 14.31 -4.28
CA GLN A 480 18.06 13.42 -4.58
C GLN A 480 16.79 14.25 -4.69
N VAL A 481 16.65 14.91 -5.83
CA VAL A 481 15.55 15.84 -6.09
C VAL A 481 14.96 15.53 -7.45
N CYS A 482 13.72 15.96 -7.69
CA CYS A 482 13.11 15.69 -8.98
C CYS A 482 14.00 16.22 -10.10
N HIS A 483 14.03 15.46 -11.19
CA HIS A 483 14.89 15.76 -12.31
C HIS A 483 14.51 17.09 -12.95
N ALA A 484 15.44 17.68 -13.70
CA ALA A 484 15.24 19.00 -14.29
C ALA A 484 14.17 18.98 -15.37
N LEU A 485 13.93 17.80 -15.94
CA LEU A 485 12.94 17.64 -16.99
C LEU A 485 11.54 17.38 -16.43
N CYS A 486 11.46 17.14 -15.12
CA CYS A 486 10.17 16.95 -14.47
C CYS A 486 9.43 18.28 -14.36
N SER A 487 8.11 18.21 -14.43
CA SER A 487 7.27 19.36 -14.14
C SER A 487 7.23 19.59 -12.64
N PRO A 488 6.69 20.73 -12.21
CA PRO A 488 6.59 21.00 -10.76
C PRO A 488 5.65 20.03 -10.05
N GLU A 489 4.92 19.21 -10.81
CA GLU A 489 3.98 18.28 -10.22
C GLU A 489 4.67 17.21 -9.41
N GLY A 490 5.98 17.07 -9.59
CA GLY A 490 6.78 16.20 -8.73
C GLY A 490 7.26 14.94 -9.41
N CYS A 491 7.79 14.02 -8.60
CA CYS A 491 8.38 12.78 -9.12
C CYS A 491 8.24 11.62 -8.14
N TRP A 492 8.39 10.41 -8.67
CA TRP A 492 8.42 9.18 -7.89
C TRP A 492 9.86 8.73 -7.68
N GLY A 493 10.81 9.55 -8.13
CA GLY A 493 12.21 9.17 -8.05
C GLY A 493 13.06 10.12 -8.85
N PRO A 494 14.38 9.88 -8.86
CA PRO A 494 15.36 10.82 -9.43
C PRO A 494 15.44 10.80 -10.96
N GLU A 495 15.00 9.72 -11.60
CA GLU A 495 15.11 9.58 -13.05
C GLU A 495 14.04 10.40 -13.79
N PRO A 496 14.32 10.75 -15.06
CA PRO A 496 13.32 11.44 -15.90
C PRO A 496 12.06 10.63 -16.14
N ARG A 497 12.16 9.30 -16.08
CA ARG A 497 11.00 8.43 -16.20
C ARG A 497 10.23 8.29 -14.88
N ASP A 498 10.59 9.10 -13.88
CA ASP A 498 9.91 9.10 -12.60
C ASP A 498 9.04 10.35 -12.43
N CYS A 499 9.14 11.29 -13.36
CA CYS A 499 8.34 12.49 -13.30
C CYS A 499 6.86 12.13 -13.27
N VAL A 500 6.08 12.98 -12.59
CA VAL A 500 4.62 12.87 -12.63
C VAL A 500 4.15 13.30 -14.02
N SER A 501 4.62 14.47 -14.45
CA SER A 501 4.43 14.94 -15.81
C SER A 501 5.70 15.66 -16.27
N CYS A 502 5.81 15.91 -17.57
CA CYS A 502 7.05 16.45 -18.14
C CYS A 502 7.06 17.96 -18.25
N ARG A 503 8.26 18.53 -18.21
CA ARG A 503 8.43 19.97 -18.24
C ARG A 503 8.29 20.48 -19.67
N ASN A 504 8.74 19.65 -20.62
CA ASN A 504 8.67 20.00 -22.04
C ASN A 504 7.90 18.91 -22.80
N VAL A 505 8.52 17.75 -22.96
CA VAL A 505 7.93 16.67 -23.73
C VAL A 505 8.39 15.30 -23.26
N SER A 506 7.65 14.27 -23.61
CA SER A 506 8.01 12.89 -23.31
C SER A 506 8.27 12.13 -24.61
N ARG A 507 9.16 11.15 -24.56
CA ARG A 507 9.35 10.26 -25.70
C ARG A 507 8.53 8.99 -25.46
N GLY A 508 9.06 8.10 -24.61
CA GLY A 508 8.31 6.94 -24.18
C GLY A 508 7.67 7.24 -22.83
N ARG A 509 8.07 6.50 -21.81
CA ARG A 509 7.66 6.82 -20.45
C ARG A 509 8.71 7.75 -19.83
N GLU A 510 9.35 8.54 -20.67
CA GLU A 510 10.49 9.35 -20.25
C GLU A 510 10.38 10.81 -20.71
N CYS A 511 10.66 11.73 -19.79
CA CYS A 511 10.68 13.15 -20.10
C CYS A 511 12.01 13.53 -20.74
N VAL A 512 11.95 14.53 -21.64
CA VAL A 512 13.11 14.95 -22.41
C VAL A 512 13.06 16.43 -22.74
N ASP A 513 14.12 16.94 -23.36
CA ASP A 513 14.23 18.37 -23.65
C ASP A 513 13.42 18.77 -24.88
N LYS A 514 13.58 18.01 -25.95
CA LYS A 514 12.93 18.31 -27.23
C LYS A 514 12.75 17.02 -28.04
N CYS A 515 11.84 17.02 -28.99
CA CYS A 515 11.67 15.87 -29.88
C CYS A 515 12.70 15.94 -31.01
N ASN A 516 12.96 14.80 -31.64
CA ASN A 516 13.93 14.75 -32.73
C ASN A 516 13.29 15.24 -34.03
N LEU A 517 13.09 16.56 -34.12
CA LEU A 517 12.43 17.15 -35.28
C LEU A 517 13.38 17.33 -36.46
N LEU A 518 14.51 17.99 -36.18
CA LEU A 518 15.45 18.37 -37.23
C LEU A 518 16.75 17.56 -37.15
N GLU A 519 16.83 16.64 -36.19
CA GLU A 519 18.04 15.85 -36.00
C GLU A 519 17.80 14.68 -35.05
N GLY A 520 18.57 13.61 -35.21
CA GLY A 520 18.46 12.46 -34.34
C GLY A 520 17.75 11.28 -34.98
N GLU A 521 17.94 10.11 -34.38
CA GLU A 521 17.38 8.86 -34.88
C GLU A 521 16.53 8.21 -33.80
N PRO A 522 15.25 7.93 -34.10
CA PRO A 522 14.51 8.24 -35.34
C PRO A 522 14.05 9.69 -35.37
N ARG A 523 13.65 10.16 -36.54
CA ARG A 523 12.97 11.45 -36.66
C ARG A 523 11.53 11.30 -36.19
N GLU A 524 11.00 12.34 -35.56
CA GLU A 524 9.66 12.24 -34.99
C GLU A 524 8.91 13.56 -35.09
N PHE A 525 7.69 13.57 -34.58
CA PHE A 525 6.87 14.76 -34.54
C PHE A 525 6.12 14.81 -33.20
N VAL A 526 5.66 15.99 -32.83
CA VAL A 526 4.99 16.20 -31.55
C VAL A 526 3.48 16.02 -31.66
N GLU A 527 2.89 15.29 -30.71
CA GLU A 527 1.44 15.21 -30.59
C GLU A 527 1.05 15.25 -29.12
N ASN A 528 0.66 16.44 -28.65
CA ASN A 528 0.29 16.64 -27.25
C ASN A 528 1.39 16.24 -26.27
N SER A 529 2.41 17.07 -26.17
CA SER A 529 3.47 16.87 -25.19
C SER A 529 4.18 15.52 -25.35
N GLU A 530 4.11 14.94 -26.53
CA GLU A 530 4.68 13.62 -26.77
C GLU A 530 5.37 13.52 -28.13
N CYS A 531 6.54 12.88 -28.15
CA CYS A 531 7.27 12.64 -29.39
C CYS A 531 6.78 11.36 -30.04
N ILE A 532 6.50 11.42 -31.35
CA ILE A 532 6.04 10.23 -32.06
C ILE A 532 6.90 9.97 -33.29
N GLN A 533 7.41 8.75 -33.35
CA GLN A 533 8.30 8.31 -34.40
C GLN A 533 7.68 8.54 -35.78
N CYS A 534 8.39 9.26 -36.65
CA CYS A 534 7.98 9.39 -38.06
C CYS A 534 7.98 7.99 -38.67
N HIS A 535 7.21 7.81 -39.73
CA HIS A 535 7.18 6.51 -40.42
C HIS A 535 8.58 6.19 -40.95
N PRO A 536 9.02 4.92 -40.84
CA PRO A 536 10.40 4.57 -41.25
C PRO A 536 10.67 4.72 -42.74
N GLU A 537 9.65 5.09 -43.51
CA GLU A 537 9.74 5.21 -44.96
C GLU A 537 9.87 6.66 -45.35
N CYS A 538 9.66 7.56 -44.38
CA CYS A 538 9.98 8.96 -44.57
C CYS A 538 11.48 9.11 -44.61
N LEU A 539 11.95 10.05 -45.42
CA LEU A 539 13.38 10.30 -45.58
C LEU A 539 13.80 11.47 -44.69
N PRO A 540 14.83 11.27 -43.85
CA PRO A 540 15.31 12.37 -43.00
C PRO A 540 15.83 13.55 -43.80
N GLN A 541 15.27 14.72 -43.53
CA GLN A 541 15.66 15.97 -44.17
C GLN A 541 16.66 16.69 -43.29
N ALA A 542 17.85 16.97 -43.81
CA ALA A 542 18.80 17.81 -43.08
C ALA A 542 18.25 19.23 -43.02
N MET A 543 18.24 19.80 -41.82
CA MET A 543 17.81 21.19 -41.61
C MET A 543 16.34 21.39 -41.95
N ASN A 544 15.53 20.38 -41.67
CA ASN A 544 14.07 20.52 -41.71
C ASN A 544 13.42 19.28 -41.11
N ILE A 545 12.09 19.26 -41.07
CA ILE A 545 11.36 18.12 -40.53
C ILE A 545 11.27 17.01 -41.56
N THR A 546 10.61 15.92 -41.19
CA THR A 546 10.59 14.74 -42.05
C THR A 546 9.21 14.10 -42.13
N CYS A 547 8.27 14.56 -41.30
CA CYS A 547 6.92 14.02 -41.33
C CYS A 547 5.96 14.92 -40.56
N THR A 548 4.68 14.56 -40.57
CA THR A 548 3.65 15.34 -39.88
C THR A 548 2.66 14.44 -39.12
N GLY A 549 2.67 13.15 -39.43
CA GLY A 549 1.74 12.21 -38.81
C GLY A 549 2.31 10.81 -38.85
N ARG A 550 1.68 9.92 -38.08
CA ARG A 550 2.15 8.55 -37.95
C ARG A 550 2.26 7.84 -39.29
N GLY A 551 1.39 8.22 -40.22
CA GLY A 551 1.28 7.51 -41.48
C GLY A 551 2.49 7.68 -42.39
N PRO A 552 2.60 6.81 -43.42
CA PRO A 552 3.61 6.93 -44.48
C PRO A 552 3.17 7.93 -45.54
N ASP A 553 1.92 8.37 -45.45
CA ASP A 553 1.41 9.37 -46.36
C ASP A 553 1.80 10.76 -45.86
N ASN A 554 2.17 10.85 -44.59
CA ASN A 554 2.54 12.12 -43.96
C ASN A 554 4.01 12.47 -44.15
N CYS A 555 4.75 11.62 -44.86
CA CYS A 555 6.16 11.89 -45.14
C CYS A 555 6.35 13.17 -45.94
N ILE A 556 7.62 13.52 -46.13
CA ILE A 556 7.98 14.63 -47.00
C ILE A 556 8.65 14.08 -48.25
N GLN A 557 9.69 13.28 -48.04
CA GLN A 557 10.35 12.58 -49.13
C GLN A 557 10.38 11.09 -48.85
N CYS A 558 9.92 10.29 -49.80
CA CYS A 558 9.90 8.84 -49.63
C CYS A 558 11.32 8.26 -49.72
N ALA A 559 11.72 7.60 -48.64
CA ALA A 559 13.09 7.12 -48.52
C ALA A 559 13.42 6.04 -49.55
N HIS A 560 12.40 5.38 -50.08
CA HIS A 560 12.58 4.32 -51.06
C HIS A 560 11.63 4.52 -52.25
N TYR A 561 10.51 3.80 -52.27
CA TYR A 561 9.58 3.83 -53.40
C TYR A 561 8.31 4.60 -53.09
N ILE A 562 7.44 4.71 -54.09
CA ILE A 562 6.21 5.48 -53.96
C ILE A 562 5.05 4.80 -54.68
N ASP A 563 3.97 4.56 -53.94
CA ASP A 563 2.74 4.07 -54.55
C ASP A 563 1.65 5.12 -54.38
N GLY A 564 1.77 6.21 -55.15
CA GLY A 564 0.83 7.31 -55.06
C GLY A 564 1.13 8.14 -53.82
N PRO A 565 0.14 8.34 -52.94
CA PRO A 565 0.37 9.09 -51.69
C PRO A 565 1.08 8.26 -50.61
N HIS A 566 1.83 7.23 -50.99
CA HIS A 566 2.34 6.26 -50.03
C HIS A 566 3.80 5.90 -50.30
N CYS A 567 4.67 6.23 -49.33
CA CYS A 567 6.04 5.78 -49.37
C CYS A 567 6.08 4.30 -49.03
N VAL A 568 6.79 3.50 -49.83
CA VAL A 568 6.85 2.05 -49.62
C VAL A 568 8.27 1.50 -49.79
N LYS A 569 8.55 0.37 -49.15
CA LYS A 569 9.86 -0.29 -49.26
C LYS A 569 9.91 -1.26 -50.44
N THR A 570 8.75 -1.51 -51.04
CA THR A 570 8.64 -2.39 -52.19
C THR A 570 7.31 -2.13 -52.88
N CYS A 571 7.33 -2.01 -54.21
CA CYS A 571 6.12 -1.78 -54.96
C CYS A 571 5.15 -2.96 -54.77
N PRO A 572 3.84 -2.74 -54.98
CA PRO A 572 2.87 -3.83 -54.85
C PRO A 572 2.99 -4.84 -55.99
N ALA A 573 3.34 -6.08 -55.67
CA ALA A 573 3.59 -7.10 -56.70
C ALA A 573 3.20 -8.49 -56.22
N GLY A 574 1.98 -8.89 -56.58
CA GLY A 574 1.49 -10.23 -56.26
C GLY A 574 0.16 -10.21 -55.52
N VAL A 575 -0.18 -9.08 -54.91
CA VAL A 575 -1.41 -8.96 -54.14
C VAL A 575 -2.63 -9.04 -55.05
N MET A 576 -3.74 -9.59 -54.55
CA MET A 576 -4.95 -9.73 -55.34
C MET A 576 -5.70 -8.41 -55.43
N GLY A 577 -6.60 -8.30 -56.39
CA GLY A 577 -7.40 -7.10 -56.59
C GLY A 577 -8.80 -7.44 -57.08
N GLU A 578 -9.47 -6.45 -57.68
CA GLU A 578 -10.80 -6.64 -58.23
C GLU A 578 -10.77 -7.62 -59.40
N ASN A 579 -11.91 -8.27 -59.66
CA ASN A 579 -12.03 -9.24 -60.74
C ASN A 579 -11.16 -10.47 -60.51
N ASN A 580 -10.66 -10.62 -59.28
CA ASN A 580 -9.84 -11.77 -58.90
C ASN A 580 -8.56 -11.86 -59.74
N THR A 581 -7.91 -10.72 -59.93
CA THR A 581 -6.68 -10.64 -60.73
C THR A 581 -5.52 -10.10 -59.88
N LEU A 582 -4.40 -10.82 -59.91
CA LEU A 582 -3.22 -10.42 -59.15
C LEU A 582 -2.56 -9.21 -59.81
N VAL A 583 -2.58 -8.07 -59.10
CA VAL A 583 -2.02 -6.83 -59.63
C VAL A 583 -0.50 -6.76 -59.47
N TRP A 584 0.16 -6.21 -60.49
CA TRP A 584 1.61 -6.07 -60.50
C TRP A 584 2.03 -4.62 -60.74
N LYS A 585 3.15 -4.25 -60.13
CA LYS A 585 3.74 -2.94 -60.35
C LYS A 585 5.26 -3.04 -60.38
N TYR A 586 5.89 -2.07 -61.03
CA TYR A 586 7.34 -2.03 -61.19
C TYR A 586 7.88 -0.67 -60.74
N ALA A 587 9.18 -0.48 -60.88
CA ALA A 587 9.83 0.72 -60.37
C ALA A 587 10.30 1.67 -61.49
N ASP A 588 9.61 2.80 -61.63
CA ASP A 588 10.09 3.90 -62.44
C ASP A 588 11.41 4.38 -61.85
N ALA A 589 12.35 4.79 -62.69
CA ALA A 589 13.70 5.16 -62.25
C ALA A 589 13.70 6.28 -61.21
N GLY A 590 12.57 6.96 -61.05
CA GLY A 590 12.35 7.90 -59.97
C GLY A 590 11.74 7.23 -58.75
N HIS A 591 11.86 5.90 -58.71
CA HIS A 591 11.34 5.08 -57.61
C HIS A 591 9.84 5.28 -57.40
N VAL A 592 9.10 5.34 -58.50
CA VAL A 592 7.64 5.50 -58.45
C VAL A 592 6.98 4.24 -59.01
N CYS A 593 6.06 3.67 -58.23
CA CYS A 593 5.38 2.45 -58.63
C CYS A 593 4.32 2.74 -59.68
N HIS A 594 4.39 2.02 -60.79
CA HIS A 594 3.43 2.15 -61.88
C HIS A 594 2.87 0.78 -62.27
N LEU A 595 1.71 0.79 -62.93
CA LEU A 595 1.03 -0.45 -63.34
C LEU A 595 1.70 -1.10 -64.55
N CYS A 596 1.92 -2.41 -64.46
CA CYS A 596 2.41 -3.19 -65.59
C CYS A 596 1.32 -3.35 -66.64
N HIS A 597 1.63 -4.08 -67.70
CA HIS A 597 0.61 -4.40 -68.70
C HIS A 597 -0.20 -5.61 -68.21
N PRO A 598 -1.53 -5.59 -68.39
CA PRO A 598 -2.37 -6.69 -67.90
C PRO A 598 -1.92 -8.07 -68.37
N ASN A 599 -1.34 -8.13 -69.57
CA ASN A 599 -0.84 -9.38 -70.14
C ASN A 599 0.21 -9.99 -69.22
N CYS A 600 1.05 -9.14 -68.64
CA CYS A 600 2.04 -9.58 -67.66
C CYS A 600 1.35 -9.93 -66.35
N THR A 601 1.39 -11.21 -66.01
CA THR A 601 0.58 -11.74 -64.92
C THR A 601 1.43 -12.39 -63.84
N TYR A 602 2.68 -12.72 -64.17
CA TYR A 602 3.59 -13.37 -63.22
C TYR A 602 4.69 -12.42 -62.76
N GLY A 603 4.66 -11.18 -63.24
CA GLY A 603 5.64 -10.18 -62.88
C GLY A 603 5.96 -9.27 -64.05
N CYS A 604 6.72 -8.22 -63.79
CA CYS A 604 7.14 -7.30 -64.84
C CYS A 604 8.19 -6.33 -64.29
N THR A 605 9.09 -5.90 -65.16
CA THR A 605 10.22 -5.06 -64.76
C THR A 605 10.31 -3.81 -65.62
N GLY A 606 9.20 -3.44 -66.26
CA GLY A 606 9.16 -2.24 -67.07
C GLY A 606 7.80 -2.03 -67.71
N PRO A 607 7.62 -0.91 -68.42
CA PRO A 607 6.38 -0.61 -69.13
C PRO A 607 6.27 -1.37 -70.45
N GLY A 608 5.07 -1.42 -71.01
CA GLY A 608 4.83 -2.11 -72.27
C GLY A 608 4.85 -3.61 -72.10
N LEU A 609 4.71 -4.32 -73.22
CA LEU A 609 4.65 -5.78 -73.22
C LEU A 609 6.01 -6.40 -72.89
N GLU A 610 7.08 -5.66 -73.18
CA GLU A 610 8.44 -6.18 -73.04
C GLU A 610 8.79 -6.53 -71.60
N GLY A 611 7.96 -6.10 -70.65
CA GLY A 611 8.19 -6.38 -69.24
C GLY A 611 8.31 -7.87 -68.96
N CYS A 612 7.24 -8.61 -69.21
CA CYS A 612 7.25 -10.06 -69.05
C CYS A 612 7.70 -10.74 -70.34
N GLU B 1 -13.76 15.34 -6.18
CA GLU B 1 -13.14 15.73 -7.49
C GLU B 1 -13.96 15.23 -8.68
N VAL B 2 -14.15 13.91 -8.76
CA VAL B 2 -14.93 13.33 -9.85
C VAL B 2 -16.42 13.44 -9.57
N GLN B 3 -17.07 14.41 -10.19
CA GLN B 3 -18.50 14.67 -9.98
C GLN B 3 -19.33 14.22 -11.18
N LEU B 4 -20.44 13.55 -10.90
CA LEU B 4 -21.37 13.08 -11.93
C LEU B 4 -22.72 13.73 -11.71
N VAL B 5 -23.04 14.71 -12.56
CA VAL B 5 -24.27 15.48 -12.42
C VAL B 5 -25.39 14.86 -13.24
N GLU B 6 -26.38 14.33 -12.53
CA GLU B 6 -27.54 13.72 -13.17
C GLU B 6 -28.70 14.71 -13.26
N SER B 7 -29.39 14.67 -14.39
CA SER B 7 -30.43 15.64 -14.69
C SER B 7 -31.21 15.24 -15.92
N GLY B 8 -32.44 14.77 -15.72
CA GLY B 8 -33.34 14.46 -16.82
C GLY B 8 -34.11 13.15 -16.66
N GLY B 9 -35.22 13.19 -15.95
CA GLY B 9 -36.05 12.02 -15.74
C GLY B 9 -37.24 12.23 -14.84
N GLY B 10 -38.16 11.27 -14.83
CA GLY B 10 -39.36 11.37 -14.03
C GLY B 10 -40.51 10.58 -14.62
N LEU B 11 -41.71 11.16 -14.58
CA LEU B 11 -42.90 10.51 -15.12
C LEU B 11 -42.90 10.54 -16.66
N LEU B 20 -32.20 12.45 -19.95
CA LEU B 20 -31.18 11.69 -19.23
C LEU B 20 -29.77 12.17 -19.57
N SER B 21 -29.19 12.98 -18.69
CA SER B 21 -27.86 13.54 -18.91
C SER B 21 -26.96 13.29 -17.69
N CYS B 22 -25.67 13.10 -17.97
CA CYS B 22 -24.66 12.83 -16.94
C CYS B 22 -23.40 13.64 -17.22
N ALA B 23 -23.33 14.84 -16.65
CA ALA B 23 -22.18 15.71 -16.84
C ALA B 23 -21.05 15.29 -15.90
N ALA B 24 -19.93 14.87 -16.49
CA ALA B 24 -18.82 14.32 -15.72
C ALA B 24 -17.59 15.23 -15.81
N SER B 25 -17.31 15.93 -14.72
CA SER B 25 -16.12 16.78 -14.63
C SER B 25 -15.33 16.39 -13.38
N GLY B 26 -14.01 16.60 -13.43
CA GLY B 26 -13.17 16.36 -12.27
C GLY B 26 -11.75 15.97 -12.59
N ARG B 27 -11.57 15.29 -13.72
CA ARG B 27 -10.24 14.85 -14.09
C ARG B 27 -10.20 14.37 -15.54
N THR B 28 -9.04 13.88 -15.97
CA THR B 28 -8.86 13.39 -17.33
C THR B 28 -9.46 12.00 -17.48
N PHE B 29 -10.60 11.91 -18.16
CA PHE B 29 -11.28 10.63 -18.34
C PHE B 29 -10.81 9.96 -19.63
N SER B 30 -9.50 10.01 -19.86
CA SER B 30 -8.93 9.46 -21.08
C SER B 30 -9.21 7.97 -21.21
N SER B 31 -8.79 7.21 -20.20
CA SER B 31 -8.94 5.76 -20.22
C SER B 31 -10.22 5.31 -19.53
N TYR B 32 -11.14 6.25 -19.29
CA TYR B 32 -12.35 5.96 -18.52
C TYR B 32 -13.46 5.29 -19.35
N ALA B 33 -14.45 4.77 -18.64
CA ALA B 33 -15.63 4.15 -19.25
C ALA B 33 -16.85 4.46 -18.40
N MET B 34 -17.76 5.27 -18.94
CA MET B 34 -18.98 5.66 -18.23
C MET B 34 -20.19 4.95 -18.79
N GLY B 35 -21.16 4.67 -17.94
CA GLY B 35 -22.38 4.00 -18.37
C GLY B 35 -23.57 4.39 -17.53
N TRP B 36 -24.59 3.53 -17.55
CA TRP B 36 -25.82 3.76 -16.77
C TRP B 36 -26.30 2.46 -16.13
N PHE B 37 -26.62 2.54 -14.85
CA PHE B 37 -27.16 1.41 -14.10
C PHE B 37 -28.56 1.75 -13.61
N ARG B 38 -29.30 0.73 -13.21
CA ARG B 38 -30.66 0.92 -12.71
C ARG B 38 -30.92 -0.02 -11.54
N GLN B 39 -31.77 0.42 -10.63
CA GLN B 39 -32.14 -0.38 -9.46
C GLN B 39 -33.64 -0.31 -9.24
N ALA B 40 -34.28 -1.47 -9.15
CA ALA B 40 -35.72 -1.54 -8.96
C ALA B 40 -36.07 -1.82 -7.50
N PRO B 41 -37.14 -1.21 -6.98
CA PRO B 41 -37.57 -1.46 -5.60
C PRO B 41 -38.04 -2.91 -5.39
N GLY B 42 -37.16 -3.74 -4.82
CA GLY B 42 -37.45 -5.15 -4.63
C GLY B 42 -36.55 -6.00 -5.49
N LYS B 43 -35.31 -5.54 -5.68
CA LYS B 43 -34.35 -6.25 -6.51
C LYS B 43 -32.97 -5.62 -6.39
N GLU B 44 -32.03 -6.11 -7.19
CA GLU B 44 -30.67 -5.61 -7.19
C GLU B 44 -30.50 -4.56 -8.29
N ARG B 45 -29.40 -3.81 -8.22
CA ARG B 45 -29.07 -2.85 -9.25
C ARG B 45 -28.57 -3.63 -10.48
N GLU B 46 -28.79 -3.09 -11.67
CA GLU B 46 -28.50 -3.84 -12.90
C GLU B 46 -27.92 -2.97 -14.02
N PHE B 47 -27.16 -3.63 -14.89
CA PHE B 47 -26.58 -3.01 -16.08
C PHE B 47 -27.68 -2.52 -17.02
N VAL B 48 -27.38 -1.50 -17.80
CA VAL B 48 -28.31 -1.02 -18.82
C VAL B 48 -27.55 -0.63 -20.07
N VAL B 49 -26.63 0.31 -19.94
CA VAL B 49 -25.78 0.74 -21.04
C VAL B 49 -24.39 1.09 -20.53
N ALA B 50 -23.42 1.07 -21.43
CA ALA B 50 -22.07 1.54 -21.13
C ALA B 50 -21.39 1.99 -22.42
N ILE B 51 -20.36 2.83 -22.27
CA ILE B 51 -19.67 3.41 -23.41
C ILE B 51 -18.24 3.79 -23.06
N ASN B 52 -17.30 3.26 -23.83
CA ASN B 52 -15.90 3.63 -23.68
C ASN B 52 -15.73 5.06 -24.16
N TRP B 53 -14.80 5.80 -23.55
CA TRP B 53 -14.61 7.21 -23.87
C TRP B 53 -13.60 7.39 -25.00
N SER B 54 -12.59 6.52 -25.02
CA SER B 54 -11.57 6.55 -26.06
C SER B 54 -11.12 5.12 -26.36
N SER B 55 -11.61 4.49 -27.43
CA SER B 55 -12.53 5.05 -28.41
C SER B 55 -13.97 5.17 -27.88
N GLY B 56 -14.87 5.61 -28.74
CA GLY B 56 -16.26 5.82 -28.37
C GLY B 56 -17.12 4.58 -28.56
N SER B 57 -16.48 3.41 -28.42
CA SER B 57 -17.18 2.12 -28.53
C SER B 57 -18.34 2.04 -27.55
N THR B 58 -19.29 1.16 -27.82
CA THR B 58 -20.53 1.13 -27.03
C THR B 58 -21.02 -0.30 -26.78
N TYR B 59 -21.67 -0.47 -25.63
CA TYR B 59 -22.19 -1.77 -25.20
C TYR B 59 -23.54 -1.61 -24.50
N TYR B 60 -24.54 -2.34 -25.02
CA TYR B 60 -25.89 -2.29 -24.47
C TYR B 60 -26.27 -3.60 -23.78
N ALA B 61 -27.29 -3.54 -22.94
CA ALA B 61 -27.86 -4.74 -22.33
C ALA B 61 -28.86 -5.33 -23.30
N ASP B 62 -29.25 -6.57 -23.06
CA ASP B 62 -30.20 -7.26 -23.94
C ASP B 62 -31.54 -6.53 -24.02
N SER B 63 -32.22 -6.42 -22.87
CA SER B 63 -33.49 -5.71 -22.81
C SER B 63 -33.35 -4.27 -23.27
N VAL B 64 -32.16 -3.71 -23.06
CA VAL B 64 -31.86 -2.34 -23.46
C VAL B 64 -31.50 -2.24 -24.94
N LYS B 65 -31.09 -3.38 -25.52
CA LYS B 65 -30.63 -3.42 -26.90
C LYS B 65 -31.69 -2.87 -27.85
N GLY B 66 -31.29 -1.96 -28.72
CA GLY B 66 -32.17 -1.40 -29.72
C GLY B 66 -33.10 -0.34 -29.17
N ARG B 67 -33.84 -0.69 -28.12
CA ARG B 67 -34.83 0.22 -27.53
C ARG B 67 -34.19 1.43 -26.85
N PHE B 68 -32.86 1.46 -26.81
CA PHE B 68 -32.11 2.57 -26.21
C PHE B 68 -31.08 3.12 -27.20
N THR B 69 -30.41 4.19 -26.80
CA THR B 69 -29.40 4.83 -27.62
C THR B 69 -28.55 5.76 -26.76
N ILE B 70 -27.26 5.45 -26.65
CA ILE B 70 -26.33 6.22 -25.83
C ILE B 70 -25.25 6.88 -26.71
N SER B 71 -24.79 8.05 -26.28
CA SER B 71 -23.80 8.81 -27.03
C SER B 71 -22.88 9.59 -26.10
N ARG B 72 -21.79 10.13 -26.66
CA ARG B 72 -20.80 10.88 -25.90
C ARG B 72 -20.49 12.21 -26.58
N ASP B 73 -20.64 13.30 -25.82
CA ASP B 73 -20.25 14.62 -26.28
C ASP B 73 -18.91 15.00 -25.66
N ASN B 74 -17.82 14.77 -26.40
CA ASN B 74 -16.48 15.12 -25.93
C ASN B 74 -16.35 16.64 -25.76
N ALA B 75 -15.28 17.06 -25.10
CA ALA B 75 -15.00 18.48 -24.84
C ALA B 75 -16.00 19.07 -23.84
N LYS B 76 -17.29 18.86 -24.07
CA LYS B 76 -18.31 19.27 -23.11
C LYS B 76 -18.32 18.35 -21.89
N ASN B 77 -17.69 17.18 -22.05
CA ASN B 77 -17.65 16.17 -21.01
C ASN B 77 -19.04 15.78 -20.50
N THR B 78 -19.82 15.13 -21.36
CA THR B 78 -21.19 14.76 -21.02
C THR B 78 -21.59 13.49 -21.76
N MET B 79 -22.45 12.70 -21.12
CA MET B 79 -22.89 11.41 -21.66
C MET B 79 -24.42 11.33 -21.65
N TYR B 80 -25.01 11.47 -22.83
CA TYR B 80 -26.46 11.50 -22.97
C TYR B 80 -27.05 10.10 -23.24
N LEU B 81 -28.33 9.94 -22.90
CA LEU B 81 -29.03 8.69 -23.12
C LEU B 81 -30.48 8.96 -23.56
N GLN B 82 -30.94 8.18 -24.55
CA GLN B 82 -32.29 8.28 -25.05
C GLN B 82 -33.13 7.12 -24.55
N MET B 83 -34.29 7.45 -23.98
CA MET B 83 -35.22 6.44 -23.47
C MET B 83 -36.50 6.46 -24.31
N ASN B 84 -36.33 6.57 -25.62
CA ASN B 84 -37.45 6.58 -26.55
C ASN B 84 -38.16 5.24 -26.56
N SER B 85 -39.50 5.28 -26.64
CA SER B 85 -40.33 4.07 -26.67
C SER B 85 -40.13 3.22 -25.41
N LEU B 86 -40.32 3.85 -24.25
CA LEU B 86 -40.18 3.17 -22.96
C LEU B 86 -41.41 2.34 -22.65
N LYS B 87 -41.37 1.61 -21.54
CA LYS B 87 -42.49 0.76 -21.13
C LYS B 87 -42.56 0.64 -19.62
N PRO B 88 -43.73 0.26 -19.08
CA PRO B 88 -43.87 0.03 -17.64
C PRO B 88 -42.92 -1.03 -17.11
N GLU B 89 -42.35 -1.83 -18.00
CA GLU B 89 -41.43 -2.91 -17.62
C GLU B 89 -39.99 -2.41 -17.49
N ASP B 90 -39.82 -1.10 -17.40
CA ASP B 90 -38.49 -0.49 -17.32
C ASP B 90 -38.45 0.67 -16.32
N THR B 91 -39.41 0.70 -15.39
CA THR B 91 -39.51 1.77 -14.41
C THR B 91 -38.62 1.51 -13.20
N ALA B 92 -37.68 2.42 -12.94
CA ALA B 92 -36.72 2.24 -11.86
C ALA B 92 -35.91 3.52 -11.61
N VAL B 93 -35.03 3.47 -10.61
CA VAL B 93 -34.12 4.59 -10.35
C VAL B 93 -32.83 4.38 -11.14
N TYR B 94 -32.31 5.47 -11.70
CA TYR B 94 -31.17 5.40 -12.62
C TYR B 94 -29.96 6.20 -12.14
N TYR B 95 -28.82 5.52 -12.06
CA TYR B 95 -27.56 6.14 -11.71
C TYR B 95 -26.59 6.07 -12.88
N CYS B 96 -25.88 7.17 -13.17
CA CYS B 96 -24.81 7.12 -14.16
C CYS B 96 -23.48 6.90 -13.43
N ALA B 97 -22.69 5.97 -13.96
CA ALA B 97 -21.44 5.56 -13.31
C ALA B 97 -20.25 5.91 -14.19
N ALA B 98 -19.06 5.87 -13.59
CA ALA B 98 -17.82 6.16 -14.30
C ALA B 98 -16.67 5.40 -13.62
N GLY B 99 -15.69 5.00 -14.41
CA GLY B 99 -14.57 4.23 -13.88
C GLY B 99 -13.38 4.21 -14.82
N TYR B 100 -12.19 4.26 -14.23
CA TYR B 100 -10.96 4.10 -14.99
C TYR B 100 -10.80 2.65 -15.42
N GLN B 101 -10.31 2.43 -16.63
CA GLN B 101 -10.08 1.07 -17.13
C GLN B 101 -8.60 0.86 -17.42
N ILE B 102 -8.15 -0.35 -17.13
CA ILE B 102 -6.73 -0.72 -17.17
C ILE B 102 -6.00 -0.32 -18.46
N ASN B 103 -6.66 -0.45 -19.60
CA ASN B 103 -6.03 -0.16 -20.90
C ASN B 103 -7.01 0.48 -21.87
N SER B 104 -7.74 1.49 -21.40
CA SER B 104 -8.74 2.19 -22.20
C SER B 104 -9.75 1.22 -22.79
N GLY B 105 -10.05 0.15 -22.05
CA GLY B 105 -10.89 -0.93 -22.52
C GLY B 105 -9.99 -2.09 -22.92
N ASN B 106 -10.20 -2.59 -24.13
CA ASN B 106 -9.41 -3.71 -24.63
C ASN B 106 -9.55 -4.94 -23.73
N TYR B 107 -10.74 -5.10 -23.18
CA TYR B 107 -11.15 -6.36 -22.57
C TYR B 107 -12.66 -6.31 -22.39
N ASN B 108 -13.26 -7.46 -22.10
CA ASN B 108 -14.71 -7.57 -22.10
C ASN B 108 -15.37 -6.56 -21.16
N PHE B 109 -16.44 -5.93 -21.65
CA PHE B 109 -17.10 -4.84 -20.94
C PHE B 109 -17.88 -5.32 -19.72
N LYS B 110 -18.25 -6.60 -19.72
CA LYS B 110 -18.97 -7.16 -18.58
C LYS B 110 -18.07 -7.23 -17.35
N ASP B 111 -16.77 -7.01 -17.56
CA ASP B 111 -15.78 -7.01 -16.49
C ASP B 111 -15.17 -5.62 -16.27
N TYR B 112 -15.83 -4.59 -16.78
CA TYR B 112 -15.44 -3.21 -16.50
C TYR B 112 -15.72 -2.88 -15.04
N GLU B 113 -14.97 -1.90 -14.52
CA GLU B 113 -15.10 -1.48 -13.13
C GLU B 113 -15.56 -0.01 -13.03
N TYR B 114 -16.44 0.25 -12.06
CA TYR B 114 -17.00 1.59 -11.85
C TYR B 114 -16.85 2.01 -10.38
N ASP B 115 -16.25 3.17 -10.17
CA ASP B 115 -15.89 3.63 -8.83
C ASP B 115 -16.73 4.83 -8.39
N TYR B 116 -17.08 5.68 -9.35
CA TYR B 116 -17.85 6.89 -9.06
C TYR B 116 -19.27 6.75 -9.59
N TRP B 117 -20.26 7.08 -8.76
CA TRP B 117 -21.67 6.94 -9.10
C TRP B 117 -22.44 8.25 -8.91
N GLY B 118 -23.49 8.43 -9.69
CA GLY B 118 -24.35 9.60 -9.58
C GLY B 118 -25.34 9.45 -8.43
N GLN B 119 -26.23 10.43 -8.30
CA GLN B 119 -27.09 10.49 -7.12
C GLN B 119 -28.30 9.58 -7.21
N GLY B 120 -29.17 9.82 -8.17
CA GLY B 120 -30.36 8.99 -8.33
C GLY B 120 -31.50 9.70 -9.04
N THR B 121 -31.58 9.49 -10.35
CA THR B 121 -32.65 10.03 -11.17
C THR B 121 -33.82 9.04 -11.24
N GLN B 122 -35.01 9.51 -10.90
CA GLN B 122 -36.20 8.64 -10.87
C GLN B 122 -36.86 8.52 -12.25
N VAL B 123 -37.38 7.32 -12.53
CA VAL B 123 -38.11 7.06 -13.77
C VAL B 123 -39.30 6.13 -13.49
N THR B 124 -40.51 6.69 -13.56
CA THR B 124 -41.73 5.93 -13.32
C THR B 124 -42.55 5.80 -14.60
N ASP C 1 20.61 17.24 11.51
CA ASP C 1 19.15 16.97 11.51
C ASP C 1 18.37 18.26 11.77
N ILE C 2 17.07 18.13 12.01
CA ILE C 2 16.19 19.30 12.20
C ILE C 2 16.16 19.74 13.66
N LEU C 3 16.04 21.05 13.88
CA LEU C 3 16.05 21.64 15.22
C LEU C 3 14.73 22.29 15.57
N LEU C 4 14.16 21.90 16.72
CA LEU C 4 12.97 22.57 17.24
C LEU C 4 13.42 23.50 18.35
N THR C 5 13.17 24.78 18.17
CA THR C 5 13.62 25.77 19.14
C THR C 5 12.41 26.35 19.82
N GLN C 6 12.41 26.29 21.15
CA GLN C 6 11.28 26.77 21.93
C GLN C 6 11.65 28.03 22.70
N SER C 7 10.74 29.00 22.68
CA SER C 7 10.93 30.25 23.39
C SER C 7 9.60 30.75 23.96
N PRO C 8 9.63 31.41 25.12
CA PRO C 8 10.83 31.61 25.91
C PRO C 8 11.13 30.34 26.68
N VAL C 9 12.17 30.36 27.50
CA VAL C 9 12.57 29.18 28.25
C VAL C 9 11.67 29.02 29.46
N ILE C 10 11.56 30.10 30.23
CA ILE C 10 10.60 30.18 31.33
C ILE C 10 9.65 31.33 31.07
N LEU C 11 8.41 31.18 31.49
CA LEU C 11 7.37 32.14 31.17
C LEU C 11 6.46 32.35 32.38
N SER C 12 6.62 33.48 33.06
CA SER C 12 5.83 33.76 34.26
C SER C 12 4.64 34.59 33.84
N VAL C 13 3.49 34.31 34.44
CA VAL C 13 2.24 34.80 33.92
C VAL C 13 1.21 34.91 35.04
N SER C 14 0.47 36.02 35.08
CA SER C 14 -0.60 36.15 36.06
C SER C 14 -1.84 35.48 35.51
N PRO C 15 -2.68 34.92 36.39
CA PRO C 15 -3.92 34.28 35.93
C PRO C 15 -4.79 35.22 35.11
N GLY C 16 -5.43 34.68 34.07
CA GLY C 16 -6.24 35.49 33.18
C GLY C 16 -5.49 35.94 31.95
N GLU C 17 -4.16 35.98 32.04
CA GLU C 17 -3.36 36.43 30.90
C GLU C 17 -3.50 35.52 29.69
N ARG C 18 -3.05 36.05 28.55
CA ARG C 18 -2.92 35.28 27.33
C ARG C 18 -1.52 34.70 27.32
N VAL C 19 -1.36 33.51 26.74
CA VAL C 19 -0.05 32.89 26.68
C VAL C 19 0.24 32.35 25.31
N SER C 20 1.46 32.57 24.87
CA SER C 20 1.92 32.07 23.59
C SER C 20 3.26 31.40 23.77
N PHE C 21 3.27 30.10 23.52
CA PHE C 21 4.50 29.35 23.46
C PHE C 21 4.93 29.32 22.01
N SER C 22 6.20 29.66 21.77
CA SER C 22 6.76 29.61 20.43
C SER C 22 7.63 28.38 20.27
N CYS C 23 7.44 27.70 19.14
CA CYS C 23 8.26 26.59 18.69
C CYS C 23 8.61 26.89 17.24
N ARG C 24 9.86 27.29 16.98
CA ARG C 24 10.30 27.54 15.60
C ARG C 24 11.11 26.34 15.15
N ALA C 25 10.81 25.84 13.95
CA ALA C 25 11.54 24.71 13.37
C ALA C 25 12.57 25.18 12.32
N SER C 26 13.77 24.60 12.37
CA SER C 26 14.87 25.00 11.47
C SER C 26 14.55 24.77 9.98
N GLN C 27 13.72 23.77 9.69
CA GLN C 27 13.23 23.51 8.33
C GLN C 27 11.73 23.72 8.28
N SER C 28 11.19 23.88 7.07
CA SER C 28 9.75 24.03 6.88
C SER C 28 9.08 22.66 6.82
N ILE C 29 8.10 22.44 7.70
CA ILE C 29 7.48 21.14 7.85
C ILE C 29 5.95 21.22 7.79
N GLY C 30 5.43 22.28 7.17
CA GLY C 30 4.00 22.46 7.04
C GLY C 30 3.30 22.54 8.39
N THR C 31 2.54 21.52 8.75
CA THR C 31 1.81 21.47 10.02
C THR C 31 2.10 20.20 10.82
N ASN C 32 3.23 19.57 10.54
CA ASN C 32 3.59 18.33 11.22
C ASN C 32 4.18 18.63 12.59
N ILE C 33 3.38 19.27 13.44
CA ILE C 33 3.79 19.66 14.79
C ILE C 33 2.75 19.25 15.81
N HIS C 34 3.19 18.66 16.91
CA HIS C 34 2.33 18.34 18.03
C HIS C 34 2.79 19.08 19.25
N TRP C 35 1.86 19.22 20.20
CA TRP C 35 2.16 19.87 21.46
C TRP C 35 1.84 18.97 22.65
N TYR C 36 2.68 19.05 23.68
CA TYR C 36 2.47 18.27 24.90
C TYR C 36 2.53 19.15 26.14
N GLN C 37 1.84 18.70 27.19
CA GLN C 37 1.92 19.29 28.50
C GLN C 37 2.46 18.24 29.43
N GLN C 38 3.36 18.64 30.32
CA GLN C 38 3.92 17.72 31.31
C GLN C 38 4.01 18.38 32.66
N ARG C 39 3.15 17.93 33.57
CA ARG C 39 3.14 18.44 34.94
C ARG C 39 4.13 17.67 35.78
N THR C 40 4.47 18.24 36.93
CA THR C 40 5.47 17.66 37.84
C THR C 40 5.19 16.19 38.11
N ASN C 41 6.23 15.38 38.01
CA ASN C 41 6.17 13.95 38.30
C ASN C 41 5.11 13.22 37.48
N GLY C 42 4.73 13.81 36.35
CA GLY C 42 3.70 13.24 35.50
C GLY C 42 4.21 12.94 34.10
N SER C 43 3.46 12.12 33.38
CA SER C 43 3.79 11.82 31.98
C SER C 43 3.31 12.95 31.06
N PRO C 44 3.94 13.08 29.89
CA PRO C 44 3.45 14.11 28.97
C PRO C 44 2.01 13.88 28.55
N ARG C 45 1.31 14.96 28.22
CA ARG C 45 -0.11 14.92 27.89
C ARG C 45 -0.33 15.61 26.56
N LEU C 46 -0.74 14.86 25.54
CA LEU C 46 -0.99 15.42 24.20
C LEU C 46 -2.08 16.50 24.22
N LEU C 47 -1.72 17.72 23.82
CA LEU C 47 -2.66 18.82 23.79
C LEU C 47 -3.26 19.07 22.39
N ILE C 48 -2.35 19.24 21.43
CA ILE C 48 -2.69 19.58 20.06
C ILE C 48 -1.97 18.63 19.12
N LYS C 49 -2.65 18.20 18.06
CA LYS C 49 -2.00 17.45 17.01
C LYS C 49 -2.04 18.27 15.72
N TYR C 50 -1.02 18.07 14.89
CA TYR C 50 -0.85 18.78 13.63
C TYR C 50 -1.18 20.27 13.70
N ALA C 51 -0.45 20.95 14.58
CA ALA C 51 -0.44 22.41 14.67
C ALA C 51 -1.70 23.02 15.32
N SER C 52 -2.88 22.49 15.04
CA SER C 52 -4.13 23.14 15.46
C SER C 52 -5.25 22.18 15.84
N GLU C 53 -5.13 20.92 15.46
CA GLU C 53 -6.21 19.97 15.69
C GLU C 53 -6.34 19.63 17.16
N SER C 54 -7.54 19.82 17.70
CA SER C 54 -7.77 19.68 19.12
C SER C 54 -7.91 18.22 19.52
N ILE C 55 -7.58 17.92 20.77
CA ILE C 55 -7.67 16.55 21.28
C ILE C 55 -8.78 16.50 22.32
N SER C 56 -9.48 15.38 22.39
CA SER C 56 -10.61 15.26 23.31
C SER C 56 -10.09 15.22 24.74
N GLY C 57 -10.83 15.84 25.65
CA GLY C 57 -10.45 15.86 27.06
C GLY C 57 -9.66 17.11 27.40
N ILE C 58 -9.04 17.72 26.40
CA ILE C 58 -8.24 18.93 26.66
C ILE C 58 -9.14 20.17 26.65
N PRO C 59 -9.01 21.03 27.66
CA PRO C 59 -9.92 22.18 27.72
C PRO C 59 -9.79 23.13 26.53
N SER C 60 -10.85 23.90 26.30
CA SER C 60 -10.97 24.71 25.10
C SER C 60 -9.96 25.83 25.03
N ARG C 61 -9.43 26.25 26.18
CA ARG C 61 -8.60 27.45 26.23
C ARG C 61 -7.29 27.23 25.52
N PHE C 62 -6.89 25.96 25.39
CA PHE C 62 -5.70 25.60 24.61
C PHE C 62 -6.02 25.58 23.11
N SER C 63 -5.13 26.18 22.34
CA SER C 63 -5.25 26.19 20.89
C SER C 63 -3.87 26.35 20.29
N GLY C 64 -3.72 25.92 19.04
CA GLY C 64 -2.45 26.01 18.35
C GLY C 64 -2.59 26.57 16.95
N SER C 65 -1.63 27.40 16.58
CA SER C 65 -1.63 28.04 15.27
C SER C 65 -0.24 27.92 14.63
N GLY C 66 -0.13 28.33 13.37
CA GLY C 66 1.16 28.39 12.69
C GLY C 66 1.36 27.30 11.65
N SER C 67 2.36 27.50 10.80
CA SER C 67 2.70 26.52 9.77
C SER C 67 4.09 26.82 9.20
N GLY C 68 4.73 25.80 8.61
CA GLY C 68 6.04 26.00 8.01
C GLY C 68 7.14 25.85 9.03
N THR C 69 7.59 26.97 9.60
CA THR C 69 8.67 26.97 10.58
C THR C 69 8.25 27.51 11.94
N ASP C 70 7.36 28.50 11.95
CA ASP C 70 6.92 29.17 13.18
C ASP C 70 5.58 28.62 13.64
N PHE C 71 5.58 28.02 14.82
CA PHE C 71 4.38 27.41 15.40
C PHE C 71 4.08 28.00 16.77
N THR C 72 2.80 27.95 17.15
CA THR C 72 2.35 28.59 18.38
C THR C 72 1.34 27.75 19.11
N LEU C 73 1.53 27.65 20.42
CA LEU C 73 0.55 27.06 21.32
C LEU C 73 0.00 28.18 22.17
N SER C 74 -1.32 28.27 22.27
CA SER C 74 -1.97 29.41 22.92
C SER C 74 -2.89 29.02 24.05
N ILE C 75 -2.88 29.83 25.10
CA ILE C 75 -3.88 29.74 26.17
C ILE C 75 -4.58 31.10 26.24
N ASN C 76 -5.91 31.14 26.11
CA ASN C 76 -6.60 32.43 26.05
C ASN C 76 -6.81 33.06 27.42
N SER C 77 -6.82 32.23 28.46
CA SER C 77 -6.94 32.73 29.82
C SER C 77 -6.32 31.71 30.76
N VAL C 78 -5.15 32.03 31.30
CA VAL C 78 -4.42 31.06 32.09
C VAL C 78 -5.05 30.86 33.46
N GLU C 79 -5.05 29.61 33.89
CA GLU C 79 -5.47 29.24 35.23
C GLU C 79 -4.31 28.59 35.96
N SER C 80 -4.40 28.49 37.28
CA SER C 80 -3.30 27.93 38.06
C SER C 80 -3.02 26.47 37.73
N GLU C 81 -4.04 25.76 37.27
CA GLU C 81 -3.94 24.36 36.89
C GLU C 81 -2.94 24.17 35.74
N ASP C 82 -2.69 25.24 34.99
CA ASP C 82 -1.91 25.15 33.75
C ASP C 82 -0.41 25.09 33.96
N ILE C 83 0.02 25.12 35.22
CA ILE C 83 1.43 25.06 35.52
C ILE C 83 2.04 23.74 35.04
N ALA C 84 3.08 23.83 34.23
CA ALA C 84 3.76 22.66 33.67
C ALA C 84 4.88 23.07 32.73
N ASP C 85 5.57 22.07 32.20
CA ASP C 85 6.45 22.26 31.05
C ASP C 85 5.66 21.93 29.81
N TYR C 86 5.91 22.67 28.73
CA TYR C 86 5.22 22.46 27.46
C TYR C 86 6.24 22.16 26.36
N TYR C 87 6.05 21.05 25.65
CA TYR C 87 6.98 20.62 24.61
C TYR C 87 6.32 20.56 23.24
N CYS C 88 7.07 20.88 22.18
CA CYS C 88 6.58 20.68 20.81
C CYS C 88 7.32 19.52 20.17
N GLN C 89 6.66 18.87 19.21
CA GLN C 89 7.18 17.65 18.59
C GLN C 89 7.03 17.73 17.06
N GLN C 90 8.04 17.31 16.30
CA GLN C 90 7.93 17.33 14.84
C GLN C 90 7.74 15.91 14.29
N ASN C 91 6.87 15.82 13.30
CA ASN C 91 6.41 14.55 12.73
C ASN C 91 6.99 14.28 11.34
N ASN C 92 7.72 15.27 10.82
CA ASN C 92 8.06 15.34 9.41
C ASN C 92 9.33 14.62 8.99
N ASN C 93 10.42 14.89 9.70
CA ASN C 93 11.71 14.24 9.41
C ASN C 93 11.98 13.09 10.35
N TRP C 94 12.54 12.01 9.81
CA TRP C 94 12.96 10.87 10.60
C TRP C 94 14.28 11.20 11.31
N PRO C 95 14.36 10.98 12.63
CA PRO C 95 13.37 10.44 13.56
C PRO C 95 12.59 11.57 14.21
N THR C 96 11.40 11.29 14.73
CA THR C 96 10.59 12.32 15.40
C THR C 96 11.38 12.90 16.58
N THR C 97 11.29 14.20 16.78
CA THR C 97 12.12 14.89 17.77
C THR C 97 11.33 15.91 18.56
N PHE C 98 11.80 16.19 19.78
CA PHE C 98 11.12 17.10 20.71
C PHE C 98 11.89 18.38 21.00
N GLY C 99 11.19 19.47 21.19
CA GLY C 99 11.81 20.70 21.64
C GLY C 99 12.27 20.54 23.08
N ALA C 100 12.95 21.55 23.61
CA ALA C 100 13.55 21.49 24.93
C ALA C 100 12.61 22.09 25.98
N GLY C 101 11.44 22.53 25.54
CA GLY C 101 10.39 22.90 26.46
C GLY C 101 10.37 24.35 26.90
N THR C 102 9.21 24.75 27.43
CA THR C 102 8.99 26.06 28.00
C THR C 102 8.33 25.81 29.35
N LYS C 103 8.79 26.48 30.39
CA LYS C 103 8.21 26.30 31.72
C LYS C 103 7.22 27.42 32.00
N LEU C 104 6.01 27.04 32.39
CA LEU C 104 5.00 28.02 32.74
C LEU C 104 4.92 28.16 34.25
N GLU C 105 5.41 29.28 34.77
CA GLU C 105 5.22 29.68 36.15
C GLU C 105 4.01 30.57 36.24
N LEU C 106 3.45 30.71 37.43
CA LEU C 106 2.34 31.63 37.60
C LEU C 106 2.55 32.64 38.71
N LYS C 107 2.17 33.89 38.44
CA LYS C 107 2.26 34.93 39.46
C LYS C 107 0.99 34.93 40.32
N ARG C 108 1.12 35.53 41.50
CA ARG C 108 0.02 35.62 42.44
C ARG C 108 0.37 36.62 43.52
N THR C 109 -0.60 36.95 44.35
CA THR C 109 -0.36 37.94 45.39
C THR C 109 0.68 37.38 46.37
N VAL C 110 1.39 38.26 47.06
CA VAL C 110 2.33 37.80 48.09
C VAL C 110 1.56 37.03 49.16
N ALA C 111 2.20 35.96 49.65
CA ALA C 111 1.63 35.13 50.69
C ALA C 111 2.74 34.69 51.63
N ALA C 112 2.60 34.99 52.92
CA ALA C 112 3.62 34.64 53.89
C ALA C 112 3.48 33.18 54.30
N PRO C 113 4.61 32.51 54.58
CA PRO C 113 4.60 31.08 54.95
C PRO C 113 4.13 30.84 56.37
N SER C 114 3.42 29.74 56.60
CA SER C 114 3.19 29.23 57.93
C SER C 114 4.45 28.46 58.28
N VAL C 115 5.08 28.80 59.40
CA VAL C 115 6.30 28.12 59.82
C VAL C 115 6.01 27.09 60.90
N PHE C 116 6.58 25.90 60.73
CA PHE C 116 6.51 24.85 61.74
C PHE C 116 7.90 24.26 61.95
N ILE C 117 8.19 23.83 63.16
CA ILE C 117 9.48 23.17 63.46
C ILE C 117 9.24 21.84 64.14
N PHE C 118 9.98 20.81 63.73
CA PHE C 118 9.82 19.49 64.29
C PHE C 118 11.10 19.04 64.98
N PRO C 119 11.00 18.45 66.18
CA PRO C 119 12.20 17.89 66.79
C PRO C 119 12.53 16.49 66.28
N PRO C 120 13.72 15.97 66.63
CA PRO C 120 14.06 14.58 66.34
C PRO C 120 13.16 13.60 67.09
N SER C 121 12.66 12.59 66.39
CA SER C 121 11.95 11.50 67.02
C SER C 121 12.91 10.78 67.94
N ASP C 122 12.38 10.19 69.01
CA ASP C 122 13.22 9.45 69.93
C ASP C 122 13.71 8.17 69.25
N GLU C 123 12.93 7.67 68.30
CA GLU C 123 13.33 6.48 67.53
C GLU C 123 14.66 6.74 66.83
N GLN C 124 14.76 7.91 66.22
CA GLN C 124 15.92 8.28 65.43
C GLN C 124 17.13 8.42 66.33
N LEU C 125 16.95 9.10 67.45
CA LEU C 125 18.05 9.37 68.37
C LEU C 125 18.69 8.07 68.86
N LYS C 126 17.89 7.01 68.96
CA LYS C 126 18.42 5.71 69.35
C LYS C 126 19.48 5.28 68.34
N SER C 127 19.27 5.62 67.07
CA SER C 127 20.18 5.20 65.99
C SER C 127 21.44 6.07 65.95
N GLY C 128 21.48 7.10 66.81
CA GLY C 128 22.69 7.87 67.00
C GLY C 128 22.74 9.13 66.15
N THR C 129 21.61 9.45 65.52
CA THR C 129 21.51 10.62 64.66
C THR C 129 20.29 11.47 64.99
N ALA C 130 20.38 12.78 64.75
CA ALA C 130 19.29 13.71 65.06
C ALA C 130 19.07 14.71 63.94
N SER C 131 17.92 14.59 63.27
CA SER C 131 17.53 15.54 62.24
C SER C 131 16.48 16.47 62.82
N VAL C 132 16.53 17.73 62.42
CA VAL C 132 15.58 18.73 62.88
C VAL C 132 15.03 19.47 61.67
N VAL C 133 13.72 19.42 61.51
CA VAL C 133 13.08 19.90 60.30
C VAL C 133 12.29 21.15 60.56
N CYS C 134 12.54 22.16 59.73
CA CYS C 134 11.75 23.37 59.73
C CYS C 134 10.94 23.39 58.45
N LEU C 135 9.66 23.75 58.57
CA LEU C 135 8.74 23.74 57.44
C LEU C 135 8.20 25.14 57.18
N LEU C 136 8.25 25.57 55.92
CA LEU C 136 7.57 26.80 55.49
C LEU C 136 6.48 26.40 54.53
N ASN C 137 5.24 26.54 54.95
CA ASN C 137 4.12 26.00 54.18
C ASN C 137 3.43 27.06 53.36
N ASN C 138 3.20 26.76 52.08
CA ASN C 138 2.36 27.56 51.18
C ASN C 138 2.61 29.06 51.21
N PHE C 139 3.64 29.49 50.49
CA PHE C 139 4.01 30.90 50.43
C PHE C 139 4.37 31.30 49.03
N TYR C 140 4.40 32.60 48.79
CA TYR C 140 4.87 33.15 47.51
C TYR C 140 5.29 34.59 47.74
N PRO C 141 6.40 35.02 47.15
CA PRO C 141 7.20 34.30 46.14
C PRO C 141 8.14 33.23 46.72
N ARG C 142 8.88 32.60 45.83
CA ARG C 142 9.73 31.46 46.15
C ARG C 142 10.91 31.85 47.03
N GLU C 143 11.46 33.03 46.81
CA GLU C 143 12.63 33.46 47.57
C GLU C 143 12.28 33.51 49.06
N ALA C 144 13.08 32.83 49.88
CA ALA C 144 12.90 32.84 51.34
C ALA C 144 14.22 32.53 52.06
N LYS C 145 14.41 33.09 53.25
CA LYS C 145 15.64 32.88 54.01
C LYS C 145 15.32 32.09 55.27
N VAL C 146 16.11 31.03 55.51
CA VAL C 146 15.97 30.21 56.72
C VAL C 146 17.29 30.13 57.48
N GLN C 147 17.27 30.60 58.72
CA GLN C 147 18.42 30.53 59.59
C GLN C 147 18.18 29.54 60.74
N TRP C 148 19.00 28.49 60.82
CA TRP C 148 18.99 27.59 61.97
C TRP C 148 19.84 28.16 63.11
N LYS C 149 19.37 28.04 64.34
CA LYS C 149 20.12 28.54 65.48
C LYS C 149 20.05 27.58 66.65
N VAL C 150 21.20 27.24 67.19
CA VAL C 150 21.29 26.37 68.35
C VAL C 150 21.90 27.15 69.50
N ASP C 151 21.06 27.48 70.49
CA ASP C 151 21.46 28.32 71.62
C ASP C 151 22.04 29.62 71.10
N ASN C 152 21.33 30.22 70.14
CA ASN C 152 21.71 31.49 69.52
C ASN C 152 23.05 31.43 68.81
N ALA C 153 23.35 30.28 68.23
CA ALA C 153 24.54 30.13 67.40
C ALA C 153 24.15 29.81 65.95
N LEU C 154 24.38 30.75 65.06
CA LEU C 154 24.04 30.54 63.64
C LEU C 154 24.77 29.32 63.11
N GLN C 155 24.01 28.37 62.57
CA GLN C 155 24.57 27.15 61.98
C GLN C 155 24.93 27.39 60.51
N SER C 156 25.97 26.69 60.04
CA SER C 156 26.45 26.84 58.66
C SER C 156 26.97 25.53 58.08
N GLY C 157 26.33 25.07 57.01
CA GLY C 157 26.78 23.87 56.33
C GLY C 157 26.42 22.56 57.01
N ASN C 158 25.32 22.56 57.76
CA ASN C 158 24.77 21.34 58.34
C ASN C 158 23.26 21.30 58.10
N SER C 159 22.80 22.02 57.09
CA SER C 159 21.39 22.04 56.72
C SER C 159 21.18 21.84 55.21
N GLN C 160 20.06 21.25 54.85
CA GLN C 160 19.71 21.02 53.45
C GLN C 160 18.27 21.43 53.22
N GLU C 161 18.03 22.18 52.15
CA GLU C 161 16.69 22.66 51.84
C GLU C 161 16.07 21.84 50.73
N SER C 162 14.74 21.91 50.63
CA SER C 162 14.01 21.34 49.52
C SER C 162 12.77 22.16 49.30
N VAL C 163 12.54 22.56 48.06
CA VAL C 163 11.39 23.36 47.70
C VAL C 163 10.48 22.52 46.82
N THR C 164 9.21 22.52 47.16
CA THR C 164 8.25 21.78 46.38
C THR C 164 8.03 22.54 45.08
N GLU C 165 7.30 21.93 44.16
CA GLU C 165 6.93 22.59 42.91
C GLU C 165 5.72 23.48 43.15
N GLN C 166 5.50 24.45 42.28
CA GLN C 166 4.37 25.36 42.42
C GLN C 166 3.05 24.59 42.46
N ASP C 167 2.19 24.91 43.43
CA ASP C 167 0.92 24.21 43.62
C ASP C 167 -0.07 24.50 42.49
N SER C 168 -0.92 23.52 42.17
CA SER C 168 -1.83 23.67 41.04
C SER C 168 -3.06 24.51 41.38
N LYS C 169 -3.38 24.61 42.67
CA LYS C 169 -4.62 25.27 43.09
C LYS C 169 -4.35 26.69 43.58
N ASP C 170 -3.40 26.89 44.50
CA ASP C 170 -3.12 28.23 45.02
C ASP C 170 -1.80 28.81 44.49
N SER C 171 -1.13 28.06 43.61
CA SER C 171 0.17 28.45 43.03
C SER C 171 1.17 29.02 44.06
N THR C 172 1.22 28.39 45.24
CA THR C 172 2.24 28.75 46.24
C THR C 172 3.42 27.79 46.18
N TYR C 173 4.40 28.00 47.07
CA TYR C 173 5.50 27.05 47.27
C TYR C 173 5.54 26.62 48.73
N SER C 174 6.30 25.58 49.01
CA SER C 174 6.52 25.07 50.36
C SER C 174 7.99 24.66 50.44
N LEU C 175 8.58 24.80 51.62
CA LEU C 175 10.02 24.57 51.77
C LEU C 175 10.31 23.84 53.08
N SER C 176 11.18 22.83 52.99
CA SER C 176 11.64 22.13 54.18
C SER C 176 13.13 22.40 54.34
N SER C 177 13.54 22.78 55.54
CA SER C 177 14.96 22.90 55.85
C SER C 177 15.27 21.90 56.93
N THR C 178 16.38 21.17 56.77
CA THR C 178 16.67 20.05 57.66
C THR C 178 18.07 20.18 58.24
N LEU C 179 18.13 20.41 59.55
CA LEU C 179 19.39 20.48 60.29
C LEU C 179 19.73 19.09 60.85
N THR C 180 20.99 18.68 60.69
CA THR C 180 21.42 17.36 61.17
C THR C 180 22.62 17.52 62.09
N LEU C 181 22.44 17.10 63.34
CA LEU C 181 23.52 17.05 64.30
C LEU C 181 23.77 15.59 64.68
N SER C 182 24.90 15.35 65.34
CA SER C 182 25.13 14.07 65.97
C SER C 182 24.30 14.05 67.24
N LYS C 183 23.91 12.86 67.67
CA LYS C 183 23.18 12.69 68.93
C LYS C 183 23.90 13.45 70.05
N ALA C 184 25.23 13.32 70.07
CA ALA C 184 26.06 13.94 71.08
C ALA C 184 25.96 15.46 71.02
N ASP C 185 26.07 16.01 69.82
CA ASP C 185 26.00 17.45 69.68
C ASP C 185 24.61 17.95 70.01
N TYR C 186 23.61 17.15 69.66
CA TYR C 186 22.24 17.56 69.86
C TYR C 186 21.95 17.65 71.34
N GLU C 187 22.41 16.63 72.08
CA GLU C 187 22.17 16.56 73.53
C GLU C 187 23.02 17.56 74.30
N LYS C 188 24.03 18.13 73.66
CA LYS C 188 24.90 19.13 74.29
C LYS C 188 24.33 20.53 74.12
N HIS C 189 23.03 20.63 73.79
CA HIS C 189 22.38 21.92 73.58
C HIS C 189 20.89 21.86 73.93
N LYS C 190 20.29 23.02 74.18
CA LYS C 190 18.92 23.11 74.70
C LYS C 190 17.96 23.75 73.70
N VAL C 191 18.29 24.97 73.27
CA VAL C 191 17.44 25.71 72.35
C VAL C 191 17.71 25.36 70.89
N TYR C 192 16.64 25.14 70.13
CA TYR C 192 16.71 24.90 68.70
C TYR C 192 15.69 25.77 67.99
N ALA C 193 16.17 26.60 67.08
CA ALA C 193 15.36 27.64 66.48
C ALA C 193 15.50 27.70 64.98
N CYS C 194 14.38 28.05 64.33
CA CYS C 194 14.32 28.26 62.89
C CYS C 194 13.84 29.68 62.62
N GLU C 195 14.70 30.53 62.08
CA GLU C 195 14.31 31.90 61.78
C GLU C 195 14.03 32.09 60.30
N VAL C 196 12.80 32.50 59.99
CA VAL C 196 12.36 32.61 58.61
C VAL C 196 12.14 34.06 58.20
N THR C 197 12.82 34.46 57.13
CA THR C 197 12.65 35.78 56.55
C THR C 197 11.96 35.66 55.20
N HIS C 198 10.96 36.49 54.97
CA HIS C 198 10.20 36.44 53.72
C HIS C 198 9.51 37.77 53.46
N GLN C 199 9.15 38.00 52.20
CA GLN C 199 8.58 39.28 51.78
C GLN C 199 7.20 39.53 52.37
N GLY C 200 6.55 38.48 52.82
CA GLY C 200 5.20 38.57 53.35
C GLY C 200 5.20 38.75 54.85
N LEU C 201 6.40 38.83 55.44
CA LEU C 201 6.55 38.98 56.88
C LEU C 201 7.15 40.34 57.19
N SER C 202 6.53 41.07 58.12
CA SER C 202 7.05 42.36 58.57
C SER C 202 8.35 42.13 59.29
N SER C 203 8.32 41.22 60.25
CA SER C 203 9.50 40.84 61.03
C SER C 203 9.78 39.35 60.85
N PRO C 204 11.07 38.97 60.90
CA PRO C 204 11.40 37.55 60.76
C PRO C 204 10.69 36.68 61.80
N VAL C 205 10.00 35.64 61.32
CA VAL C 205 9.37 34.68 62.21
C VAL C 205 10.41 33.70 62.75
N THR C 206 10.26 33.35 64.02
CA THR C 206 11.05 32.28 64.61
C THR C 206 10.12 31.24 65.21
N LYS C 207 10.47 29.97 65.02
CA LYS C 207 9.78 28.88 65.69
C LYS C 207 10.84 28.01 66.35
N SER C 208 10.59 27.55 67.57
CA SER C 208 11.62 26.86 68.34
C SER C 208 11.08 25.86 69.33
N PHE C 209 11.99 25.11 69.94
CA PHE C 209 11.65 24.16 70.98
C PHE C 209 12.88 23.90 71.84
N ASN C 210 12.65 23.55 73.10
CA ASN C 210 13.75 23.24 74.01
C ASN C 210 13.83 21.75 74.24
N ARG C 211 15.03 21.20 74.09
CA ARG C 211 15.24 19.76 74.13
C ARG C 211 14.64 19.14 75.39
N GLN D 1 -10.88 1.77 27.95
CA GLN D 1 -9.78 2.63 28.45
C GLN D 1 -8.45 2.05 28.00
N VAL D 2 -7.59 2.91 27.45
CA VAL D 2 -6.27 2.47 26.98
C VAL D 2 -5.22 2.71 28.06
N GLN D 3 -4.42 1.68 28.33
CA GLN D 3 -3.38 1.81 29.36
C GLN D 3 -2.05 1.22 28.92
N LEU D 4 -0.99 1.94 29.27
CA LEU D 4 0.36 1.40 29.23
C LEU D 4 0.83 1.31 30.67
N LYS D 5 1.09 0.10 31.15
CA LYS D 5 1.60 -0.05 32.50
C LYS D 5 2.93 -0.72 32.35
N GLN D 6 3.99 -0.10 32.89
CA GLN D 6 5.32 -0.67 32.79
C GLN D 6 5.96 -1.10 34.11
N SER D 7 6.74 -2.17 34.04
CA SER D 7 7.42 -2.75 35.19
C SER D 7 8.86 -3.04 34.83
N GLY D 8 9.78 -2.72 35.73
CA GLY D 8 11.17 -3.07 35.51
C GLY D 8 12.07 -2.44 36.55
N PRO D 9 13.16 -3.14 36.91
CA PRO D 9 14.15 -2.53 37.82
C PRO D 9 14.74 -1.27 37.20
N GLY D 10 14.87 -0.22 38.02
CA GLY D 10 15.39 1.06 37.58
C GLY D 10 16.76 1.36 38.17
N LEU D 11 17.46 0.31 38.59
CA LEU D 11 18.85 0.44 39.03
C LEU D 11 19.70 -0.51 38.21
N VAL D 12 20.53 0.04 37.34
CA VAL D 12 21.40 -0.76 36.48
C VAL D 12 22.86 -0.33 36.66
N GLN D 13 23.73 -1.32 36.84
CA GLN D 13 25.13 -1.01 37.04
C GLN D 13 25.79 -0.60 35.73
N PRO D 14 26.81 0.26 35.78
CA PRO D 14 27.45 0.64 34.52
C PRO D 14 27.88 -0.58 33.70
N SER D 15 27.83 -0.45 32.38
CA SER D 15 28.21 -1.52 31.45
C SER D 15 27.18 -2.65 31.45
N GLN D 16 26.28 -2.68 32.44
CA GLN D 16 25.22 -3.70 32.47
C GLN D 16 23.99 -3.23 31.68
N SER D 17 22.93 -4.04 31.69
CA SER D 17 21.82 -3.85 30.76
C SER D 17 20.48 -3.59 31.44
N LEU D 18 19.66 -2.74 30.81
CA LEU D 18 18.37 -2.32 31.34
C LEU D 18 17.24 -3.10 30.67
N SER D 19 16.23 -3.46 31.45
CA SER D 19 15.10 -4.21 30.93
C SER D 19 13.83 -3.62 31.50
N ILE D 20 12.88 -3.32 30.61
CA ILE D 20 11.59 -2.78 30.99
C ILE D 20 10.50 -3.54 30.26
N THR D 21 9.43 -3.87 30.97
CA THR D 21 8.26 -4.49 30.36
C THR D 21 7.13 -3.49 30.34
N CYS D 22 6.57 -3.27 29.15
CA CYS D 22 5.41 -2.42 28.97
C CYS D 22 4.21 -3.32 28.69
N THR D 23 3.31 -3.40 29.66
CA THR D 23 2.12 -4.25 29.55
C THR D 23 0.93 -3.42 29.09
N VAL D 24 0.35 -3.85 27.98
CA VAL D 24 -0.64 -3.06 27.24
C VAL D 24 -2.07 -3.49 27.55
N SER D 25 -3.00 -2.54 27.44
CA SER D 25 -4.42 -2.80 27.69
C SER D 25 -5.29 -1.79 26.96
N GLY D 26 -6.40 -2.24 26.40
CA GLY D 26 -7.33 -1.34 25.71
C GLY D 26 -7.18 -1.40 24.21
N PHE D 27 -6.14 -2.08 23.74
CA PHE D 27 -5.89 -2.23 22.32
C PHE D 27 -4.98 -3.42 22.08
N SER D 28 -4.83 -3.81 20.81
CA SER D 28 -3.98 -4.96 20.49
C SER D 28 -2.64 -4.52 19.93
N LEU D 29 -1.60 -5.27 20.25
CA LEU D 29 -0.27 -5.01 19.70
C LEU D 29 -0.19 -5.44 18.25
N THR D 30 -1.28 -6.00 17.74
CA THR D 30 -1.29 -6.50 16.38
C THR D 30 -1.76 -5.42 15.40
N ASN D 31 -2.35 -4.36 15.95
CA ASN D 31 -2.90 -3.25 15.15
C ASN D 31 -2.15 -1.96 15.37
N TYR D 32 -1.37 -1.90 16.45
CA TYR D 32 -0.62 -0.69 16.78
C TYR D 32 0.78 -1.03 17.26
N GLY D 33 1.72 -0.15 16.95
CA GLY D 33 3.09 -0.28 17.41
C GLY D 33 3.21 0.40 18.77
N VAL D 34 4.30 0.11 19.47
CA VAL D 34 4.61 0.74 20.75
C VAL D 34 5.97 1.41 20.67
N HIS D 35 6.01 2.69 21.02
CA HIS D 35 7.22 3.48 20.94
C HIS D 35 7.86 3.59 22.30
N TRP D 36 9.16 3.88 22.30
CA TRP D 36 9.89 4.08 23.53
C TRP D 36 10.56 5.44 23.51
N VAL D 37 10.45 6.15 24.63
CA VAL D 37 10.93 7.52 24.72
C VAL D 37 11.52 7.71 26.11
N ARG D 38 12.66 8.38 26.19
CA ARG D 38 13.26 8.63 27.49
C ARG D 38 13.41 10.11 27.71
N GLN D 39 13.63 10.48 28.97
CA GLN D 39 13.66 11.88 29.37
C GLN D 39 14.70 12.07 30.44
N SER D 40 15.83 12.65 30.07
CA SER D 40 16.88 12.96 31.03
C SER D 40 16.56 14.33 31.62
N PRO D 41 17.07 14.60 32.83
CA PRO D 41 16.70 15.86 33.49
C PRO D 41 17.25 17.08 32.74
N GLY D 42 18.19 16.84 31.83
CA GLY D 42 18.84 17.92 31.08
C GLY D 42 18.60 17.88 29.58
N LYS D 43 18.76 16.71 28.96
CA LYS D 43 18.71 16.58 27.51
C LYS D 43 17.31 16.27 26.95
N GLY D 44 16.28 16.67 27.70
CA GLY D 44 14.89 16.63 27.22
C GLY D 44 14.37 15.28 26.75
N LEU D 45 13.27 15.31 26.00
CA LEU D 45 12.62 14.10 25.52
C LEU D 45 13.23 13.52 24.25
N GLU D 46 13.58 12.24 24.28
CA GLU D 46 14.31 11.61 23.19
C GLU D 46 13.68 10.28 22.81
N TRP D 47 13.36 10.14 21.52
CA TRP D 47 12.72 8.96 21.00
C TRP D 47 13.75 7.86 20.71
N LEU D 48 13.54 6.69 21.34
CA LEU D 48 14.51 5.60 21.28
C LEU D 48 14.23 4.66 20.12
N GLY D 49 12.97 4.27 19.96
CA GLY D 49 12.63 3.31 18.92
C GLY D 49 11.21 2.80 19.02
N VAL D 50 10.90 1.81 18.18
CA VAL D 50 9.54 1.28 18.06
C VAL D 50 9.57 -0.20 17.77
N ILE D 51 8.50 -0.87 18.19
CA ILE D 51 8.21 -2.21 17.71
C ILE D 51 6.86 -2.08 16.99
N TRP D 52 6.88 -2.21 15.66
CA TRP D 52 5.65 -2.08 14.87
C TRP D 52 4.79 -3.30 15.06
N SER D 53 3.56 -3.22 14.57
CA SER D 53 2.59 -4.29 14.76
C SER D 53 3.05 -5.61 14.15
N GLY D 54 3.69 -5.53 12.98
CA GLY D 54 4.16 -6.72 12.30
C GLY D 54 5.38 -7.37 12.94
N GLY D 55 5.92 -6.74 13.98
CA GLY D 55 7.02 -7.31 14.72
C GLY D 55 8.36 -6.72 14.31
N ASN D 56 8.39 -5.98 13.21
CA ASN D 56 9.60 -5.30 12.78
C ASN D 56 9.91 -4.11 13.70
N THR D 57 11.18 -3.77 13.83
CA THR D 57 11.60 -2.69 14.72
C THR D 57 12.18 -1.53 13.94
N ASP D 58 12.47 -0.46 14.68
CA ASP D 58 13.14 0.70 14.14
C ASP D 58 13.72 1.42 15.34
N TYR D 59 15.03 1.60 15.34
CA TYR D 59 15.73 2.21 16.45
C TYR D 59 16.31 3.53 16.00
N ASN D 60 16.42 4.47 16.92
CA ASN D 60 17.06 5.74 16.61
C ASN D 60 18.54 5.47 16.42
N THR D 61 19.20 6.35 15.68
CA THR D 61 20.57 6.14 15.25
C THR D 61 21.54 5.80 16.39
N PRO D 62 21.54 6.60 17.47
CA PRO D 62 22.49 6.33 18.56
C PRO D 62 22.12 5.12 19.44
N PHE D 63 21.26 4.23 18.97
CA PHE D 63 20.79 3.10 19.77
C PHE D 63 20.71 1.81 18.96
N THR D 64 21.14 1.86 17.71
CA THR D 64 21.02 0.71 16.83
C THR D 64 21.77 -0.48 17.42
N SER D 65 22.96 -0.22 17.93
CA SER D 65 23.89 -1.26 18.35
C SER D 65 23.50 -1.89 19.69
N ARG D 66 22.75 -1.17 20.52
CA ARG D 66 22.53 -1.62 21.88
C ARG D 66 21.06 -1.74 22.30
N LEU D 67 20.16 -1.70 21.34
CA LEU D 67 18.74 -1.76 21.64
C LEU D 67 18.08 -2.98 20.99
N SER D 68 17.18 -3.62 21.74
CA SER D 68 16.38 -4.72 21.19
C SER D 68 14.99 -4.68 21.81
N ILE D 69 13.99 -4.42 20.99
CA ILE D 69 12.60 -4.45 21.44
C ILE D 69 11.90 -5.64 20.78
N ASN D 70 11.36 -6.52 21.62
CA ASN D 70 10.54 -7.63 21.16
C ASN D 70 9.18 -7.52 21.82
N LYS D 71 8.29 -8.46 21.54
CA LYS D 71 7.00 -8.45 22.20
C LYS D 71 6.28 -9.79 22.14
N ASP D 72 5.09 -9.81 22.70
CA ASP D 72 4.24 -10.99 22.76
C ASP D 72 2.79 -10.51 22.64
N ASN D 73 2.22 -10.60 21.43
CA ASN D 73 0.87 -10.12 21.17
C ASN D 73 -0.17 -10.85 22.02
N SER D 74 0.12 -12.09 22.38
CA SER D 74 -0.81 -12.88 23.18
C SER D 74 -0.82 -12.38 24.60
N LYS D 75 0.33 -12.41 25.25
CA LYS D 75 0.46 -11.92 26.62
C LYS D 75 0.20 -10.39 26.65
N SER D 76 0.19 -9.77 25.49
CA SER D 76 -0.16 -8.37 25.34
C SER D 76 0.86 -7.45 26.02
N GLN D 77 2.14 -7.80 25.91
CA GLN D 77 3.19 -7.05 26.58
C GLN D 77 4.41 -6.86 25.67
N VAL D 78 5.19 -5.82 25.97
CA VAL D 78 6.34 -5.43 25.16
C VAL D 78 7.58 -5.40 26.02
N PHE D 79 8.72 -5.79 25.45
CA PHE D 79 9.96 -5.95 26.19
C PHE D 79 11.07 -5.06 25.66
N PHE D 80 11.41 -4.06 26.45
CA PHE D 80 12.49 -3.13 26.11
C PHE D 80 13.80 -3.64 26.69
N LYS D 81 14.85 -3.61 25.88
CA LYS D 81 16.16 -4.10 26.31
C LYS D 81 17.26 -3.19 25.77
N MET D 82 18.06 -2.59 26.65
CA MET D 82 19.18 -1.75 26.22
C MET D 82 20.45 -2.10 27.02
N ASN D 83 21.57 -2.20 26.31
CA ASN D 83 22.81 -2.77 26.88
C ASN D 83 23.91 -1.77 27.17
N SER D 84 24.91 -2.23 27.93
CA SER D 84 26.11 -1.44 28.27
C SER D 84 25.78 0.00 28.65
N LEU D 85 24.88 0.18 29.61
CA LEU D 85 24.48 1.50 30.06
C LEU D 85 25.61 2.23 30.74
N GLN D 86 25.59 3.55 30.65
CA GLN D 86 26.54 4.38 31.38
C GLN D 86 25.81 5.51 32.08
N SER D 87 26.56 6.43 32.67
CA SER D 87 25.96 7.49 33.47
C SER D 87 24.99 8.34 32.65
N ASN D 88 25.37 8.69 31.42
CA ASN D 88 24.53 9.54 30.58
C ASN D 88 23.21 8.85 30.19
N ASP D 89 23.09 7.55 30.44
CA ASP D 89 21.85 6.84 30.14
C ASP D 89 20.86 6.85 31.32
N THR D 90 21.20 7.63 32.34
CA THR D 90 20.29 7.81 33.46
C THR D 90 19.13 8.68 32.99
N ALA D 91 17.91 8.16 33.07
CA ALA D 91 16.73 8.96 32.73
C ALA D 91 15.44 8.29 33.18
N ILE D 92 14.32 8.88 32.82
CA ILE D 92 13.03 8.21 32.94
C ILE D 92 12.68 7.66 31.57
N TYR D 93 12.41 6.36 31.48
CA TYR D 93 12.08 5.71 30.22
C TYR D 93 10.58 5.50 30.16
N TYR D 94 9.99 5.82 29.01
CA TYR D 94 8.56 5.65 28.79
C TYR D 94 8.28 4.71 27.63
N CYS D 95 7.14 4.04 27.68
CA CYS D 95 6.59 3.41 26.50
C CYS D 95 5.39 4.26 26.11
N ALA D 96 5.09 4.32 24.82
CA ALA D 96 3.99 5.16 24.37
C ALA D 96 3.30 4.59 23.14
N ARG D 97 2.04 4.95 22.98
CA ARG D 97 1.28 4.60 21.79
C ARG D 97 0.77 5.88 21.15
N ALA D 98 0.66 5.87 19.82
CA ALA D 98 0.13 7.01 19.10
C ALA D 98 -1.39 6.93 19.05
N LEU D 99 -2.03 8.08 18.96
CA LEU D 99 -3.48 8.17 18.82
C LEU D 99 -3.95 7.41 17.59
N THR D 100 -3.24 7.60 16.48
CA THR D 100 -3.65 7.04 15.20
C THR D 100 -2.61 6.10 14.60
N TYR D 101 -3.07 5.15 13.81
CA TYR D 101 -2.20 4.16 13.17
C TYR D 101 -0.97 4.79 12.52
N TYR D 102 0.18 4.14 12.66
CA TYR D 102 1.39 4.49 11.91
C TYR D 102 1.92 5.88 12.21
N ASP D 103 1.31 6.58 13.16
CA ASP D 103 1.64 7.98 13.41
C ASP D 103 2.41 8.13 14.75
N TYR D 104 2.62 9.36 15.20
CA TYR D 104 3.51 9.64 16.32
C TYR D 104 2.96 10.70 17.28
N GLU D 105 1.64 10.90 17.28
CA GLU D 105 1.05 11.85 18.21
C GLU D 105 0.78 11.05 19.49
N PHE D 106 1.76 11.06 20.38
CA PHE D 106 1.72 10.14 21.51
C PHE D 106 0.70 10.56 22.56
N ALA D 107 -0.51 9.98 22.42
CA ALA D 107 -1.63 10.29 23.31
C ALA D 107 -1.67 9.42 24.58
N TYR D 108 -1.09 8.22 24.50
CA TYR D 108 -1.10 7.26 25.60
C TYR D 108 0.31 6.93 26.07
N TRP D 109 0.61 7.24 27.33
CA TRP D 109 1.94 7.07 27.89
C TRP D 109 1.98 6.10 29.08
N GLY D 110 3.03 5.30 29.17
CA GLY D 110 3.27 4.53 30.37
C GLY D 110 3.56 5.49 31.52
N GLN D 111 3.64 4.98 32.74
CA GLN D 111 3.86 5.81 33.94
C GLN D 111 5.32 6.24 34.01
N GLY D 112 6.16 5.54 33.26
CA GLY D 112 7.58 5.85 33.20
C GLY D 112 8.33 4.97 34.19
N THR D 113 9.58 4.65 33.87
CA THR D 113 10.45 3.86 34.75
C THR D 113 11.73 4.65 35.05
N LEU D 114 11.96 4.98 36.32
CA LEU D 114 13.11 5.80 36.67
C LEU D 114 14.38 4.95 36.74
N VAL D 115 15.16 4.96 35.66
CA VAL D 115 16.40 4.21 35.59
C VAL D 115 17.57 5.02 36.14
N THR D 116 18.22 4.49 37.17
CA THR D 116 19.39 5.11 37.76
C THR D 116 20.60 4.23 37.46
N VAL D 117 21.66 4.83 36.93
CA VAL D 117 22.87 4.08 36.59
C VAL D 117 23.97 4.34 37.61
N SER D 118 24.23 3.35 38.46
CA SER D 118 25.22 3.49 39.51
C SER D 118 25.70 2.14 39.98
N ALA D 119 26.95 2.10 40.45
CA ALA D 119 27.52 0.89 41.04
C ALA D 119 27.12 0.79 42.49
N ALA D 120 26.61 1.88 43.04
CA ALA D 120 26.20 1.90 44.44
C ALA D 120 25.09 0.87 44.71
N SER D 121 24.91 0.53 45.99
CA SER D 121 23.99 -0.54 46.38
C SER D 121 22.64 0.02 46.78
N THR D 122 21.60 -0.78 46.55
CA THR D 122 20.25 -0.39 46.96
C THR D 122 20.21 -0.37 48.47
N LYS D 123 19.34 0.45 49.04
CA LYS D 123 19.29 0.65 50.50
C LYS D 123 17.91 1.20 50.84
N GLY D 124 17.21 0.56 51.77
CA GLY D 124 15.87 0.99 52.12
C GLY D 124 15.92 2.16 53.10
N PRO D 125 14.86 2.98 53.14
CA PRO D 125 14.80 4.11 54.08
C PRO D 125 14.46 3.73 55.51
N SER D 126 14.72 4.65 56.44
CA SER D 126 14.17 4.58 57.78
C SER D 126 13.06 5.62 57.81
N VAL D 127 12.00 5.37 58.56
CA VAL D 127 10.86 6.29 58.61
C VAL D 127 10.70 6.83 60.02
N PHE D 128 10.68 8.15 60.15
CA PHE D 128 10.60 8.81 61.43
C PHE D 128 9.48 9.82 61.43
N PRO D 129 8.71 9.88 62.52
CA PRO D 129 7.54 10.75 62.53
C PRO D 129 7.92 12.21 62.80
N LEU D 130 7.22 13.13 62.14
CA LEU D 130 7.29 14.55 62.46
C LEU D 130 6.04 14.89 63.25
N ALA D 131 6.13 14.82 64.57
CA ALA D 131 4.95 14.96 65.41
C ALA D 131 4.57 16.44 65.60
N PRO D 132 3.27 16.76 65.47
CA PRO D 132 2.75 18.12 65.60
C PRO D 132 2.90 18.69 67.01
N SER D 133 3.47 19.90 67.12
CA SER D 133 3.71 20.51 68.43
C SER D 133 2.42 20.91 69.14
N SER D 134 2.59 21.65 70.23
CA SER D 134 1.48 22.20 71.00
C SER D 134 1.46 23.72 70.83
N LYS D 135 0.60 24.18 69.92
CA LYS D 135 0.47 25.61 69.63
C LYS D 135 -0.76 25.90 68.77
N THR D 141 -4.93 25.42 62.69
CA THR D 141 -4.21 24.49 61.81
C THR D 141 -2.85 24.09 62.34
N ALA D 142 -2.60 22.79 62.33
CA ALA D 142 -1.32 22.23 62.77
C ALA D 142 -0.69 21.48 61.62
N ALA D 143 0.59 21.14 61.77
CA ALA D 143 1.31 20.41 60.74
C ALA D 143 2.02 19.20 61.34
N LEU D 144 2.15 18.16 60.54
CA LEU D 144 2.79 16.94 60.95
C LEU D 144 3.27 16.23 59.69
N GLY D 145 4.09 15.20 59.84
CA GLY D 145 4.66 14.56 58.66
C GLY D 145 5.55 13.38 58.98
N CYS D 146 6.25 12.90 57.96
CA CYS D 146 7.17 11.76 58.07
C CYS D 146 8.52 12.12 57.48
N LEU D 147 9.58 11.60 58.08
CA LEU D 147 10.93 11.79 57.57
C LEU D 147 11.40 10.49 56.98
N VAL D 148 11.62 10.48 55.67
CA VAL D 148 12.12 9.29 54.99
C VAL D 148 13.60 9.46 54.68
N LYS D 149 14.45 8.79 55.46
CA LYS D 149 15.88 9.09 55.46
C LYS D 149 16.77 7.90 55.09
N ASP D 150 17.86 8.22 54.39
CA ASP D 150 18.94 7.28 54.07
C ASP D 150 18.50 6.12 53.19
N TYR D 151 18.00 6.43 52.00
CA TYR D 151 17.65 5.41 51.03
C TYR D 151 18.36 5.63 49.71
N PHE D 152 18.42 4.56 48.92
CA PHE D 152 18.95 4.62 47.58
C PHE D 152 18.54 3.35 46.82
N PRO D 153 18.23 3.48 45.53
CA PRO D 153 18.14 4.70 44.75
C PRO D 153 16.78 5.37 44.93
N GLU D 154 16.53 6.45 44.22
CA GLU D 154 15.17 6.92 44.02
C GLU D 154 14.42 5.89 43.19
N PRO D 155 13.08 5.93 43.20
CA PRO D 155 12.21 6.84 43.91
C PRO D 155 11.55 6.20 45.10
N VAL D 156 11.00 7.04 45.98
CA VAL D 156 10.20 6.56 47.08
C VAL D 156 8.81 7.18 46.91
N THR D 157 7.77 6.39 47.15
CA THR D 157 6.40 6.89 47.08
C THR D 157 5.83 7.00 48.47
N VAL D 158 5.13 8.11 48.72
CA VAL D 158 4.56 8.39 50.03
C VAL D 158 3.10 8.80 49.92
N SER D 159 2.24 8.19 50.72
CA SER D 159 0.84 8.59 50.79
C SER D 159 0.44 8.77 52.24
N TRP D 160 -0.77 9.24 52.47
CA TRP D 160 -1.28 9.45 53.82
C TRP D 160 -2.62 8.78 54.01
N ASN D 161 -2.76 8.04 55.10
CA ASN D 161 -3.96 7.28 55.39
C ASN D 161 -4.33 6.40 54.20
N SER D 162 -3.31 5.89 53.52
CA SER D 162 -3.49 4.92 52.45
C SER D 162 -4.33 5.47 51.30
N GLY D 163 -4.20 6.76 51.04
CA GLY D 163 -4.84 7.38 49.91
C GLY D 163 -5.96 8.29 50.32
N ALA D 164 -6.49 8.08 51.53
CA ALA D 164 -7.68 8.81 51.96
C ALA D 164 -7.37 10.26 52.32
N LEU D 165 -6.09 10.62 52.35
CA LEU D 165 -5.68 11.96 52.76
C LEU D 165 -4.72 12.56 51.76
N THR D 166 -5.21 13.56 51.02
CA THR D 166 -4.46 14.13 49.90
C THR D 166 -4.34 15.64 50.07
N SER D 167 -5.45 16.26 50.45
CA SER D 167 -5.48 17.70 50.62
C SER D 167 -4.45 18.13 51.66
N GLY D 168 -3.63 19.13 51.30
CA GLY D 168 -2.71 19.75 52.24
C GLY D 168 -1.40 19.00 52.37
N VAL D 169 -1.23 17.97 51.54
CA VAL D 169 -0.03 17.14 51.60
C VAL D 169 1.06 17.78 50.76
N HIS D 170 2.30 17.65 51.24
CA HIS D 170 3.47 18.13 50.53
C HIS D 170 4.58 17.13 50.67
N THR D 171 4.73 16.26 49.68
CA THR D 171 5.87 15.36 49.68
C THR D 171 7.03 16.07 48.99
N PHE D 172 8.06 16.46 49.75
CA PHE D 172 9.16 17.26 49.19
C PHE D 172 10.09 16.44 48.31
N PRO D 173 10.66 17.06 47.27
CA PRO D 173 11.63 16.35 46.44
C PRO D 173 12.82 15.88 47.26
N ALA D 174 13.32 14.68 46.96
CA ALA D 174 14.47 14.14 47.68
C ALA D 174 15.65 15.09 47.56
N VAL D 175 16.49 15.09 48.58
CA VAL D 175 17.76 15.77 48.52
C VAL D 175 18.85 14.70 48.63
N LEU D 176 19.97 14.97 47.98
CA LEU D 176 21.12 14.09 48.04
C LEU D 176 21.94 14.47 49.26
N GLN D 177 22.14 13.52 50.15
CA GLN D 177 22.98 13.74 51.33
C GLN D 177 24.45 13.50 51.00
N SER D 178 25.33 14.05 51.84
CA SER D 178 26.76 13.89 51.68
C SER D 178 27.17 12.43 51.59
N SER D 179 26.39 11.55 52.23
CA SER D 179 26.67 10.12 52.20
C SER D 179 26.43 9.52 50.83
N GLY D 180 25.71 10.25 49.99
CA GLY D 180 25.30 9.75 48.69
C GLY D 180 23.98 9.00 48.78
N LEU D 181 23.38 8.99 49.97
CA LEU D 181 22.02 8.46 50.15
C LEU D 181 20.99 9.57 50.07
N TYR D 182 19.77 9.21 49.69
CA TYR D 182 18.70 10.19 49.59
C TYR D 182 17.94 10.34 50.90
N SER D 183 17.40 11.53 51.13
CA SER D 183 16.53 11.78 52.26
C SER D 183 15.39 12.69 51.84
N LEU D 184 14.22 12.47 52.45
CA LEU D 184 12.99 13.08 51.97
C LEU D 184 12.02 13.25 53.12
N SER D 185 11.14 14.24 53.00
CA SER D 185 10.17 14.50 54.04
C SER D 185 8.81 14.81 53.45
N SER D 186 7.79 14.20 54.03
CA SER D 186 6.41 14.41 53.59
C SER D 186 5.67 15.05 54.76
N VAL D 187 4.93 16.12 54.48
CA VAL D 187 4.20 16.82 55.51
C VAL D 187 2.77 17.04 55.10
N VAL D 188 1.93 17.36 56.07
CA VAL D 188 0.53 17.65 55.83
C VAL D 188 0.05 18.65 56.87
N THR D 189 -0.81 19.58 56.46
CA THR D 189 -1.45 20.48 57.40
C THR D 189 -2.85 19.99 57.69
N VAL D 190 -3.25 20.14 58.95
CA VAL D 190 -4.46 19.57 59.45
C VAL D 190 -5.04 20.52 60.50
N PRO D 191 -6.37 20.62 60.57
CA PRO D 191 -6.95 21.41 61.66
C PRO D 191 -6.44 20.93 63.01
N SER D 192 -5.92 21.84 63.83
CA SER D 192 -5.41 21.48 65.15
C SER D 192 -6.44 20.62 65.89
N SER D 193 -7.71 20.94 65.67
CA SER D 193 -8.84 20.23 66.26
C SER D 193 -9.05 18.84 65.67
N SER D 194 -7.96 18.11 65.44
CA SER D 194 -8.02 16.82 64.75
C SER D 194 -7.07 15.83 65.39
N LEU D 195 -6.06 16.33 66.09
CA LEU D 195 -4.98 15.50 66.60
C LEU D 195 -5.51 14.35 67.44
N GLY D 196 -6.34 14.68 68.43
CA GLY D 196 -6.91 13.68 69.30
C GLY D 196 -8.22 13.13 68.75
N THR D 197 -8.46 13.39 67.47
CA THR D 197 -9.69 12.99 66.81
C THR D 197 -9.40 11.99 65.70
N GLN D 198 -8.49 12.34 64.80
CA GLN D 198 -8.14 11.47 63.69
C GLN D 198 -6.73 10.94 63.82
N THR D 199 -6.56 9.66 63.52
CA THR D 199 -5.22 9.08 63.46
C THR D 199 -4.63 9.38 62.08
N TYR D 200 -3.34 9.70 62.06
CA TYR D 200 -2.63 10.05 60.83
C TYR D 200 -1.45 9.11 60.62
N ILE D 201 -1.42 8.50 59.44
CA ILE D 201 -0.46 7.47 59.13
C ILE D 201 0.16 7.76 57.76
N CYS D 202 1.49 7.66 57.66
CA CYS D 202 2.17 7.84 56.37
C CYS D 202 2.63 6.50 55.83
N ASN D 203 2.29 6.25 54.57
CA ASN D 203 2.59 5.00 53.90
C ASN D 203 3.76 5.21 52.97
N VAL D 204 4.93 4.76 53.41
CA VAL D 204 6.17 4.89 52.67
C VAL D 204 6.46 3.61 51.92
N ASN D 205 6.70 3.73 50.61
CA ASN D 205 7.03 2.57 49.80
C ASN D 205 8.24 2.84 48.92
N HIS D 206 9.17 1.89 48.96
CA HIS D 206 10.44 1.98 48.25
C HIS D 206 10.69 0.66 47.51
N LYS D 207 10.23 0.59 46.27
CA LYS D 207 10.24 -0.65 45.50
C LYS D 207 11.62 -1.34 45.41
N PRO D 208 12.67 -0.64 44.93
CA PRO D 208 14.00 -1.26 44.73
C PRO D 208 14.58 -1.99 45.93
N SER D 209 14.23 -1.58 47.16
CA SER D 209 14.68 -2.31 48.35
C SER D 209 13.56 -3.20 48.86
N ASN D 210 12.38 -3.08 48.25
CA ASN D 210 11.19 -3.80 48.70
C ASN D 210 10.94 -3.56 50.19
N THR D 211 10.92 -2.29 50.55
CA THR D 211 10.57 -1.88 51.91
C THR D 211 9.27 -1.05 51.83
N LYS D 212 8.20 -1.57 52.42
CA LYS D 212 6.96 -0.84 52.60
C LYS D 212 6.79 -0.60 54.10
N VAL D 213 6.60 0.66 54.48
CA VAL D 213 6.49 1.01 55.90
C VAL D 213 5.31 1.94 56.16
N ASP D 214 4.56 1.66 57.23
CA ASP D 214 3.50 2.54 57.71
C ASP D 214 3.86 3.02 59.11
N LYS D 215 4.03 4.33 59.29
CA LYS D 215 4.36 4.89 60.60
C LYS D 215 3.25 5.84 61.03
N ARG D 216 2.66 5.57 62.20
CA ARG D 216 1.62 6.45 62.73
C ARG D 216 2.29 7.65 63.39
N VAL D 217 1.67 8.82 63.29
CA VAL D 217 2.22 10.07 63.81
C VAL D 217 1.29 10.67 64.87
N GLU D 218 1.73 10.69 66.12
CA GLU D 218 0.86 11.07 67.24
C GLU D 218 1.30 12.38 67.89
C1 NAG E . 0.62 -18.04 3.69
C2 NAG E . -0.08 -17.88 5.02
C3 NAG E . -0.70 -19.19 5.46
C4 NAG E . -1.54 -19.80 4.34
C5 NAG E . -0.87 -19.71 2.96
C6 NAG E . -1.82 -19.98 1.83
C7 NAG E . 0.87 -16.12 6.44
C8 NAG E . 1.90 -15.78 7.48
N2 NAG E . 0.86 -17.39 6.03
O3 NAG E . -1.50 -18.96 6.60
O4 NAG E . -1.71 -21.19 4.61
O5 NAG E . -0.32 -18.41 2.73
O6 NAG E . -2.53 -18.81 1.44
O7 NAG E . 0.10 -15.28 6.01
H1 NAG E . 1.29 -18.75 3.77
H2 NAG E . -0.79 -17.22 4.91
H3 NAG E . 0.01 -19.82 5.69
H4 NAG E . -2.41 -19.37 4.31
H5 NAG E . -0.14 -20.37 2.92
H61 NAG E . -1.32 -20.33 1.05
H62 NAG E . -2.47 -20.66 2.11
H81 NAG E . 2.79 -15.99 7.14
H82 NAG E . 1.73 -16.29 8.30
H83 NAG E . 1.85 -14.83 7.69
HN2 NAG E . 1.46 -17.97 6.38
HO3 NAG E . -1.45 -19.65 7.15
HO6 NAG E . -3.39 -18.97 1.44
C1 NAG E . -3.07 -21.42 5.01
C2 NAG E . -3.47 -22.84 4.64
C3 NAG E . -4.91 -23.08 5.06
C4 NAG E . -5.06 -22.75 6.55
C5 NAG E . -4.61 -21.31 6.79
C6 NAG E . -4.65 -21.02 8.28
C7 NAG E . -2.30 -23.41 2.58
C8 NAG E . -2.36 -23.49 1.09
N2 NAG E . -3.40 -22.96 3.20
O3 NAG E . -5.20 -24.44 4.91
O4 NAG E . -6.42 -22.82 6.88
O5 NAG E . -3.23 -21.26 6.41
O6 NAG E . -3.61 -21.82 8.84
O7 NAG E . -1.29 -23.73 3.19
H1 NAG E . -3.72 -20.72 4.50
H2 NAG E . -2.65 -23.48 5.03
H3 NAG E . -5.53 -22.55 4.32
H4 NAG E . -4.56 -23.58 7.08
H5 NAG E . -5.46 -20.71 6.38
H61 NAG E . -4.79 -19.92 8.36
H62 NAG E . -5.58 -21.44 8.65
H81 NAG E . -2.57 -22.50 0.68
H82 NAG E . -3.15 -24.18 0.80
H83 NAG E . -1.40 -23.84 0.71
HN2 NAG E . -4.21 -22.69 2.65
HO3 NAG E . -6.14 -24.56 4.66
HO4 NAG E . -6.93 -22.18 6.35
HO6 NAG E . -3.52 -21.61 9.80
C1 NAG F . 18.89 0.07 3.09
C2 NAG F . 20.15 -0.71 2.78
C3 NAG F . 21.36 0.23 2.85
C4 NAG F . 21.10 1.44 1.93
C5 NAG F . 19.80 2.12 2.38
C6 NAG F . 19.49 3.26 1.41
C7 NAG F . 20.58 -2.98 3.47
C8 NAG F . 20.74 -3.95 4.62
N2 NAG F . 20.33 -1.72 3.79
O3 NAG F . 22.48 -0.45 2.35
O4 NAG F . 22.15 2.37 2.14
O5 NAG F . 18.77 1.15 2.19
O6 NAG F . 19.02 2.62 0.23
O7 NAG F . 20.68 -3.38 2.31
H1 NAG F . 18.94 0.46 4.11
H2 NAG F . 19.93 -1.26 1.85
H3 NAG F . 21.54 0.38 3.93
H4 NAG F . 21.20 1.05 0.91
H5 NAG F . 20.08 2.64 3.31
H61 NAG F . 20.32 3.98 1.53
H62 NAG F . 18.63 3.78 1.83
H81 NAG F . 21.75 -3.87 5.02
H82 NAG F . 20.01 -3.72 5.39
H83 NAG F . 20.57 -4.97 4.26
HN2 NAG F . 20.25 -1.46 4.77
HO3 NAG F . 23.16 -0.51 3.05
HO6 NAG F . 19.31 3.15 -0.56
C1 NAG F . 23.12 2.29 1.09
C2 NAG F . 24.30 3.18 1.45
C3 NAG F . 25.34 3.09 0.32
C4 NAG F . 25.70 1.62 0.10
C5 NAG F . 24.42 0.85 -0.24
C6 NAG F . 24.77 -0.63 -0.36
C7 NAG F . 24.33 5.40 2.40
C8 NAG F . 25.40 4.88 3.32
N2 NAG F . 23.83 4.54 1.52
O3 NAG F . 26.51 3.75 0.77
O4 NAG F . 26.54 1.56 -1.04
O5 NAG F . 23.59 0.97 0.91
O6 NAG F . 25.45 -0.75 -1.61
O7 NAG F . 23.95 6.57 2.49
H1 NAG F . 22.69 2.63 0.16
H2 NAG F . 24.57 2.91 2.48
H3 NAG F . 24.93 3.70 -0.49
H4 NAG F . 26.33 1.34 0.95
H5 NAG F . 24.20 1.15 -1.29
H61 NAG F . 23.86 -1.17 -0.01
H62 NAG F . 25.51 -0.84 0.40
H81 NAG F . 26.36 4.87 2.79
H82 NAG F . 25.47 5.53 4.20
H83 NAG F . 25.14 3.87 3.64
HN2 NAG F . 23.11 4.84 0.88
HO3 NAG F . 27.01 4.08 0.00
HO4 NAG F . 27.16 2.32 -1.03
HO6 NAG F . 25.16 -1.57 -2.07
C1 NAG G . 2.43 -16.38 -17.88
C2 NAG G . 1.90 -17.82 -17.96
C3 NAG G . 2.71 -18.61 -18.98
C4 NAG G . 2.74 -17.89 -20.32
C5 NAG G . 3.24 -16.45 -20.13
C6 NAG G . 3.19 -15.64 -21.41
C7 NAG G . 0.87 -18.83 -15.94
C8 NAG G . -0.47 -18.54 -16.54
N2 NAG G . 1.95 -18.47 -16.66
O3 NAG G . 2.13 -19.90 -19.14
O4 NAG G . 3.61 -18.56 -21.23
O5 NAG G . 2.41 -15.78 -19.19
O6 NAG G . 3.90 -16.29 -22.47
O7 NAG G . 0.99 -19.38 -14.84
H1 NAG G . 3.35 -16.40 -17.55
H2 NAG G . 0.97 -17.79 -18.27
H3 NAG G . 3.62 -18.71 -18.65
H4 NAG G . 1.85 -17.87 -20.70
H5 NAG G . 4.15 -16.47 -19.81
H61 NAG G . 2.27 -15.52 -21.68
H62 NAG G . 3.60 -14.77 -21.25
H81 NAG G . -0.58 -17.58 -16.64
H82 NAG G . -0.54 -18.98 -17.41
H83 NAG G . -1.17 -18.88 -15.95
HN2 NAG G . 2.77 -18.64 -16.31
HO3 NAG G . 2.73 -20.46 -19.49
HO4 NAG G . 3.36 -19.41 -21.29
HO6 NAG G . 4.06 -15.70 -23.11
C1 NAG H . 20.26 -8.16 -2.19
C2 NAG H . 20.99 -8.01 -3.52
C3 NAG H . 21.19 -9.40 -4.11
C4 NAG H . 21.91 -10.29 -3.08
C5 NAG H . 21.06 -10.33 -1.81
C6 NAG H . 21.81 -11.12 -0.75
C7 NAG H . 20.65 -6.37 -5.28
C8 NAG H . 22.14 -6.19 -5.26
N2 NAG H . 20.15 -7.26 -4.42
O3 NAG H . 22.07 -9.28 -5.22
O4 NAG H . 21.95 -11.59 -3.59
O5 NAG H . 21.00 -8.99 -1.32
O6 NAG H . 21.69 -12.49 -1.15
O7 NAG H . 19.96 -5.73 -6.05
H1 NAG H . 19.27 -8.60 -2.36
H2 NAG H . 21.85 -7.37 -3.30
H3 NAG H . 20.22 -9.70 -4.52
H4 NAG H . 22.94 -9.92 -3.05
H5 NAG H . 20.22 -11.00 -2.08
H61 NAG H . 22.72 -10.54 -0.54
H62 NAG H . 21.22 -11.04 0.17
H81 NAG H . 22.39 -5.32 -4.64
H82 NAG H . 22.61 -7.08 -4.84
H83 NAG H . 22.50 -6.03 -6.27
HN2 NAG H . 19.15 -7.43 -4.40
HO3 NAG H . 21.56 -9.43 -6.05
HO4 NAG H . 22.88 -11.92 -3.57
HO6 NAG H . 21.71 -13.06 -0.35
C1 NAG I . 11.65 23.42 -21.73
C2 NAG I . 12.33 24.40 -22.67
C3 NAG I . 12.98 25.51 -21.87
C4 NAG I . 11.93 26.20 -21.00
C5 NAG I . 11.17 25.18 -20.14
C6 NAG I . 9.99 25.78 -19.41
C7 NAG I . 13.13 23.46 -24.82
C8 NAG I . 11.84 23.90 -25.43
N2 NAG I . 13.31 23.72 -23.51
O3 NAG I . 13.61 26.44 -22.74
O4 NAG I . 12.54 27.17 -20.17
O5 NAG I . 10.66 24.10 -20.94
O6 NAG I . 9.32 26.77 -20.17
O7 NAG I . 14.00 22.89 -25.48
H1 NAG I . 12.33 23.03 -21.13
H2 NAG I . 11.64 24.79 -23.24
H3 NAG I . 13.66 25.11 -21.28
H4 NAG I . 11.29 26.65 -21.60
H5 NAG I . 11.80 24.81 -19.48
H61 NAG I . 9.36 25.07 -19.18
H62 NAG I . 10.31 26.19 -18.58
H81 NAG I . 11.74 24.86 -25.30
H82 NAG I . 11.10 23.43 -25.00
H83 NAG I . 11.85 23.70 -26.38
HN2 NAG I . 14.09 23.46 -23.13
HO3 NAG I . 14.49 26.39 -22.64
HO4 NAG I . 12.84 27.85 -20.66
HO6 NAG I . 8.58 27.01 -19.75
C1 NAG J . 28.28 8.75 27.73
C2 NAG J . 29.42 7.71 27.54
C3 NAG J . 29.32 7.04 26.16
C4 NAG J . 29.29 8.07 25.03
C5 NAG J . 28.37 9.24 25.37
C6 NAG J . 27.42 9.59 24.25
C7 NAG J . 31.81 7.66 28.16
C8 NAG J . 31.64 6.20 28.45
N2 NAG J . 30.73 8.32 27.74
O3 NAG J . 28.16 6.22 26.11
O4 NAG J . 30.61 8.55 24.76
O5 NAG J . 27.55 8.90 26.50
O6 NAG J . 26.57 10.67 24.59
O7 NAG J . 32.89 8.23 28.31
H1 NAG J . 28.67 9.60 27.99
H2 NAG J . 29.30 7.02 28.21
H3 NAG J . 30.11 6.47 26.04
H4 NAG J . 28.95 7.63 24.23
H5 NAG J . 28.91 10.02 25.58
H61 NAG J . 27.94 9.82 23.45
H62 NAG J . 26.87 8.80 24.04
H81 NAG J . 31.31 5.75 27.65
H82 NAG J . 31.00 6.09 29.18
H83 NAG J . 32.50 5.82 28.71
HN2 NAG J . 30.80 9.21 27.56
HO3 NAG J . 28.39 5.37 25.97
HO4 NAG J . 30.93 8.13 24.05
HO6 NAG J . 26.07 10.89 23.89
#